data_7XEB
#
_entry.id   7XEB
#
_cell.length_a   72.972
_cell.length_b   75.549
_cell.length_c   130.551
_cell.angle_alpha   90.000
_cell.angle_beta   103.060
_cell.angle_gamma   90.000
#
_symmetry.space_group_name_H-M   'P 1 21 1'
#
loop_
_entity.id
_entity.type
_entity.pdbx_description
1 polymer 'Microbial collagenase'
2 polymer 'GLY-PRO-HYP peptide'
3 polymer 'GLY-PRO-HYP-GLY-PRO-HYP peptide'
4 non-polymer 'ZINC ION'
5 non-polymer 'CALCIUM ION'
6 non-polymer 1,2-ETHANEDIOL
7 water water
#
loop_
_entity_poly.entity_id
_entity_poly.type
_entity_poly.pdbx_seq_one_letter_code
_entity_poly.pdbx_strand_id
1 'polypeptide(L)'
;AVEQCDLSQFQTTSSNQLMAAIRQQGASCVNALFSADTGVQEAAFSSNHMYNVAQYTRTLAQQYAGGGSDELEALYLYLR
AGYYAEFYNSNITFLSWVTPAVKGAVDAFVQNAHFYDNGDAHGKVLNEVIITMDSAGLQHAYLDVVTQWLTRWNAQYAEH
WYMRNAVNGVFTLLFGGQWNNQYTSLIGEQTALVTALQAFALDRTKVNSPTEFMAANAARELGRLARYTDATIAPKVTEG
LTAIFGQYPSYGDGDAIWLGAADTASYYADCSQFNICGFEDALRDAALNQTFICSDTIKIRSQDMSQAQHLAACDKMAYE
ESFFHTTLETGNQPVADDHNTQLQVNIFNSDTDYGKYAGPIFGIDTNNGGMYLEGNPANVGNIPNFIAYEASYANPDHFV
WNLEHEYVHYLDGRFNMYGDFGTPTELVVWWSEGVAEYVSRVNDNPQAIATIQDGSTYTLAQVFDTTYDGFDVDRIYRWG
YLAVRFMFERHPDEVQRMLSATRQGRWAEYKAIISGWANQYQSEFAQWTEALAKGDSGAGNGEGTGSGNEGGGESGGNT
;
A,B
2 'polypeptide(L)' GP(HYP) C,D,G,H
3 'polypeptide(L)' GP(HYP)GP(HYP) E,F,I,J
#
# COMPACT_ATOMS: atom_id res chain seq x y z
N GLU A 3 4.28 -2.97 -3.07
CA GLU A 3 4.93 -4.25 -3.34
C GLU A 3 4.31 -4.95 -4.55
N GLN A 4 2.98 -4.93 -4.65
CA GLN A 4 2.28 -5.53 -5.77
C GLN A 4 1.10 -4.64 -6.16
N CYS A 5 0.69 -4.76 -7.43
CA CYS A 5 -0.34 -3.90 -7.99
C CYS A 5 -1.72 -4.31 -7.52
N ASP A 6 -2.46 -3.36 -6.96
CA ASP A 6 -3.81 -3.57 -6.45
C ASP A 6 -4.73 -2.78 -7.37
N LEU A 7 -5.22 -3.43 -8.42
CA LEU A 7 -6.03 -2.71 -9.40
C LEU A 7 -7.35 -2.27 -8.80
N SER A 8 -7.80 -2.92 -7.72
CA SER A 8 -9.10 -2.59 -7.16
C SER A 8 -9.08 -1.22 -6.49
N GLN A 9 -7.92 -0.79 -6.00
CA GLN A 9 -7.81 0.52 -5.35
C GLN A 9 -8.17 1.67 -6.29
N PHE A 10 -8.15 1.44 -7.61
CA PHE A 10 -8.53 2.47 -8.57
C PHE A 10 -10.03 2.51 -8.83
N GLN A 11 -10.77 1.53 -8.34
CA GLN A 11 -12.22 1.44 -8.57
C GLN A 11 -12.98 2.11 -7.41
N THR A 12 -12.82 3.43 -7.33
CA THR A 12 -13.40 4.17 -6.22
C THR A 12 -13.96 5.49 -6.72
N THR A 13 -14.84 6.07 -5.91
CA THR A 13 -15.39 7.39 -6.15
C THR A 13 -14.54 8.50 -5.54
N SER A 14 -13.59 8.16 -4.66
CA SER A 14 -12.76 9.14 -3.97
C SER A 14 -11.56 9.52 -4.81
N SER A 15 -11.56 10.75 -5.33
CA SER A 15 -10.41 11.28 -6.07
C SER A 15 -9.15 11.23 -5.23
N ASN A 16 -9.27 11.50 -3.94
CA ASN A 16 -8.13 11.43 -3.04
C ASN A 16 -7.54 10.02 -3.03
N GLN A 17 -8.38 9.01 -2.82
CA GLN A 17 -7.91 7.63 -2.80
C GLN A 17 -7.37 7.20 -4.17
N LEU A 18 -7.95 7.71 -5.27
CA LEU A 18 -7.43 7.41 -6.60
C LEU A 18 -6.00 7.92 -6.75
N MET A 19 -5.74 9.15 -6.31
CA MET A 19 -4.40 9.71 -6.39
C MET A 19 -3.43 8.99 -5.45
N ALA A 20 -3.88 8.59 -4.26
CA ALA A 20 -3.03 7.75 -3.41
C ALA A 20 -2.63 6.46 -4.13
N ALA A 21 -3.57 5.86 -4.87
CA ALA A 21 -3.22 4.64 -5.61
C ALA A 21 -2.19 4.93 -6.69
N ILE A 22 -2.31 6.08 -7.35
CA ILE A 22 -1.40 6.41 -8.45
C ILE A 22 0.01 6.65 -7.92
N ARG A 23 0.14 7.50 -6.91
CA ARG A 23 1.46 7.85 -6.44
C ARG A 23 2.15 6.71 -5.68
N GLN A 24 1.37 5.79 -5.10
CA GLN A 24 1.96 4.69 -4.35
C GLN A 24 2.22 3.49 -5.24
N GLN A 25 1.25 3.12 -6.07
CA GLN A 25 1.44 1.97 -6.93
C GLN A 25 2.34 2.27 -8.12
N GLY A 26 2.47 3.54 -8.52
CA GLY A 26 3.44 3.94 -9.52
C GLY A 26 3.03 3.62 -10.94
N ALA A 27 3.80 4.18 -11.88
CA ALA A 27 3.44 4.10 -13.30
C ALA A 27 3.26 2.68 -13.81
N SER A 28 4.04 1.72 -13.30
CA SER A 28 3.95 0.35 -13.81
C SER A 28 2.62 -0.31 -13.46
N CYS A 29 1.96 0.14 -12.39
CA CYS A 29 0.63 -0.37 -12.08
C CYS A 29 -0.49 0.37 -12.80
N VAL A 30 -0.35 1.68 -13.01
CA VAL A 30 -1.33 2.42 -13.81
C VAL A 30 -1.50 1.80 -15.19
N ASN A 31 -0.47 1.09 -15.67
CA ASN A 31 -0.51 0.39 -16.95
C ASN A 31 -1.73 -0.51 -17.06
N ALA A 32 -2.10 -1.16 -15.96
CA ALA A 32 -3.22 -2.10 -15.96
C ALA A 32 -4.53 -1.42 -16.32
N LEU A 33 -4.62 -0.11 -16.12
CA LEU A 33 -5.87 0.59 -16.38
C LEU A 33 -6.21 0.65 -17.86
N PHE A 34 -5.23 0.45 -18.75
CA PHE A 34 -5.50 0.49 -20.18
C PHE A 34 -6.45 -0.63 -20.63
N SER A 35 -6.37 -1.80 -19.99
CA SER A 35 -7.10 -2.99 -20.41
C SER A 35 -7.92 -3.58 -19.28
N ALA A 36 -8.25 -2.79 -18.27
CA ALA A 36 -9.00 -3.27 -17.12
C ALA A 36 -10.47 -3.48 -17.48
N ASP A 37 -11.14 -4.30 -16.66
CA ASP A 37 -12.58 -4.48 -16.75
C ASP A 37 -13.26 -3.11 -16.83
N THR A 38 -14.36 -3.04 -17.60
CA THR A 38 -14.99 -1.75 -17.77
C THR A 38 -15.63 -1.24 -16.49
N GLY A 39 -15.79 -2.09 -15.48
CA GLY A 39 -16.13 -1.58 -14.16
C GLY A 39 -14.99 -0.80 -13.53
N VAL A 40 -13.75 -1.26 -13.76
CA VAL A 40 -12.57 -0.53 -13.31
C VAL A 40 -12.44 0.78 -14.07
N GLN A 41 -12.55 0.71 -15.40
CA GLN A 41 -12.37 1.88 -16.25
C GLN A 41 -13.45 2.92 -15.99
N GLU A 42 -14.71 2.50 -15.87
CA GLU A 42 -15.77 3.47 -15.64
C GLU A 42 -15.61 4.18 -14.30
N ALA A 43 -15.19 3.45 -13.27
CA ALA A 43 -14.95 4.08 -11.97
C ALA A 43 -13.73 5.00 -12.03
N ALA A 44 -12.61 4.49 -12.56
CA ALA A 44 -11.33 5.17 -12.47
C ALA A 44 -11.24 6.39 -13.37
N PHE A 45 -12.06 6.47 -14.41
CA PHE A 45 -11.98 7.55 -15.38
C PHE A 45 -13.27 8.36 -15.44
N SER A 46 -13.93 8.56 -14.31
CA SER A 46 -15.05 9.49 -14.27
C SER A 46 -14.56 10.90 -14.60
N SER A 47 -15.45 11.72 -15.15
CA SER A 47 -15.04 13.05 -15.59
C SER A 47 -14.53 13.89 -14.43
N ASN A 48 -15.07 13.68 -13.21
CA ASN A 48 -14.57 14.36 -12.02
C ASN A 48 -13.14 13.93 -11.72
N HIS A 49 -12.93 12.62 -11.61
CA HIS A 49 -11.59 12.05 -11.45
C HIS A 49 -10.57 12.69 -12.40
N MET A 50 -10.86 12.69 -13.70
CA MET A 50 -9.94 13.33 -14.63
C MET A 50 -9.72 14.82 -14.27
N TYR A 51 -10.79 15.53 -13.88
CA TYR A 51 -10.63 16.95 -13.56
C TYR A 51 -9.82 17.14 -12.28
N ASN A 52 -10.07 16.32 -11.25
CA ASN A 52 -9.34 16.49 -10.01
C ASN A 52 -7.88 16.05 -10.15
N VAL A 53 -7.65 14.89 -10.81
CA VAL A 53 -6.27 14.43 -11.00
C VAL A 53 -5.49 15.43 -11.82
N ALA A 54 -6.14 16.03 -12.82
CA ALA A 54 -5.51 17.03 -13.67
C ALA A 54 -5.09 18.27 -12.88
N GLN A 55 -5.92 18.70 -11.93
CA GLN A 55 -5.61 19.94 -11.20
C GLN A 55 -4.49 19.72 -10.20
N TYR A 56 -4.48 18.55 -9.55
CA TYR A 56 -3.36 18.19 -8.69
C TYR A 56 -2.08 18.00 -9.49
N THR A 57 -2.20 17.42 -10.70
CA THR A 57 -1.03 17.22 -11.56
C THR A 57 -0.45 18.55 -11.97
N ARG A 58 -1.33 19.51 -12.24
CA ARG A 58 -0.86 20.81 -12.69
C ARG A 58 -0.06 21.52 -11.61
N THR A 59 -0.57 21.55 -10.37
CA THR A 59 0.17 22.27 -9.35
C THR A 59 1.42 21.50 -8.93
N LEU A 60 1.35 20.17 -8.86
CA LEU A 60 2.58 19.40 -8.65
C LEU A 60 3.63 19.72 -9.72
N ALA A 61 3.21 19.82 -11.00
CA ALA A 61 4.19 20.07 -12.07
C ALA A 61 4.78 21.47 -12.01
N GLN A 62 4.03 22.43 -11.48
CA GLN A 62 4.62 23.73 -11.22
C GLN A 62 5.72 23.65 -10.16
N GLN A 63 5.69 22.64 -9.29
CA GLN A 63 6.70 22.51 -8.25
C GLN A 63 7.91 21.71 -8.70
N TYR A 64 7.83 21.07 -9.86
CA TYR A 64 8.91 20.24 -10.38
C TYR A 64 10.25 20.98 -10.35
N ALA A 65 11.28 20.28 -9.89
CA ALA A 65 12.59 20.90 -9.80
C ALA A 65 13.65 20.08 -10.53
N GLY A 66 13.27 19.36 -11.60
CA GLY A 66 14.21 18.54 -12.33
C GLY A 66 14.41 17.18 -11.67
N GLY A 67 15.26 16.36 -12.30
CA GLY A 67 15.66 15.08 -11.75
C GLY A 67 14.69 13.93 -12.00
N GLY A 68 13.61 14.16 -12.74
CA GLY A 68 12.62 13.11 -12.94
C GLY A 68 11.62 13.12 -11.82
N SER A 69 10.63 12.25 -11.92
CA SER A 69 9.53 12.24 -10.98
C SER A 69 8.66 11.00 -11.16
N ASP A 70 8.72 10.03 -10.23
CA ASP A 70 7.87 8.86 -10.36
C ASP A 70 6.39 9.23 -10.32
N GLU A 71 6.05 10.28 -9.59
CA GLU A 71 4.65 10.58 -9.35
C GLU A 71 4.03 11.27 -10.56
N LEU A 72 4.65 12.35 -11.04
CA LEU A 72 4.22 12.97 -12.29
C LEU A 72 4.22 11.94 -13.42
N GLU A 73 5.23 11.07 -13.48
CA GLU A 73 5.18 10.02 -14.48
C GLU A 73 3.88 9.24 -14.41
N ALA A 74 3.45 8.88 -13.20
CA ALA A 74 2.25 8.09 -13.08
C ALA A 74 0.99 8.93 -13.30
N LEU A 75 1.06 10.23 -12.99
CA LEU A 75 -0.12 11.09 -13.11
C LEU A 75 -0.45 11.35 -14.56
N TYR A 76 0.55 11.74 -15.38
CA TYR A 76 0.30 11.93 -16.82
C TYR A 76 -0.01 10.61 -17.50
N LEU A 77 0.56 9.49 -17.03
CA LEU A 77 0.16 8.20 -17.58
C LEU A 77 -1.32 7.95 -17.30
N TYR A 78 -1.74 8.09 -16.03
CA TYR A 78 -3.16 7.93 -15.69
C TYR A 78 -4.05 8.78 -16.60
N LEU A 79 -3.70 10.05 -16.78
CA LEU A 79 -4.52 10.95 -17.57
C LEU A 79 -4.64 10.45 -19.02
N ARG A 80 -3.51 10.11 -19.66
CA ARG A 80 -3.59 9.70 -21.05
C ARG A 80 -4.21 8.31 -21.17
N ALA A 81 -4.08 7.49 -20.13
CA ALA A 81 -4.84 6.24 -20.09
C ALA A 81 -6.33 6.53 -20.13
N GLY A 82 -6.77 7.66 -19.56
CA GLY A 82 -8.18 8.01 -19.63
C GLY A 82 -8.65 8.27 -21.04
N TYR A 83 -7.86 9.01 -21.82
CA TYR A 83 -8.24 9.27 -23.20
C TYR A 83 -8.26 7.98 -23.99
N TYR A 84 -7.33 7.09 -23.72
CA TYR A 84 -7.40 5.74 -24.27
C TYR A 84 -8.70 5.05 -23.87
N ALA A 85 -9.06 5.14 -22.60
CA ALA A 85 -10.29 4.48 -22.15
C ALA A 85 -11.53 5.16 -22.74
N GLU A 86 -11.55 6.49 -22.82
CA GLU A 86 -12.69 7.18 -23.43
C GLU A 86 -12.89 6.74 -24.87
N PHE A 87 -11.81 6.44 -25.58
CA PHE A 87 -11.93 6.18 -27.01
C PHE A 87 -12.41 4.77 -27.29
N TYR A 88 -11.94 3.78 -26.51
CA TYR A 88 -12.24 2.39 -26.78
C TYR A 88 -13.42 1.85 -25.98
N ASN A 89 -13.86 2.53 -24.95
CA ASN A 89 -14.95 2.08 -24.10
C ASN A 89 -16.14 3.02 -24.36
N SER A 90 -17.27 2.45 -24.78
CA SER A 90 -18.43 3.27 -25.13
C SER A 90 -19.12 3.83 -23.88
N ASN A 91 -18.92 3.20 -22.72
CA ASN A 91 -19.49 3.62 -21.45
C ASN A 91 -18.76 4.82 -20.84
N ILE A 92 -17.92 5.52 -21.59
CA ILE A 92 -17.08 6.58 -21.05
C ILE A 92 -17.08 7.73 -22.03
N THR A 93 -17.60 8.87 -21.61
CA THR A 93 -17.53 10.07 -22.41
C THR A 93 -17.12 11.20 -21.48
N PHE A 94 -16.10 11.96 -21.85
CA PHE A 94 -15.66 13.03 -20.99
C PHE A 94 -16.45 14.30 -21.27
N LEU A 95 -16.66 15.07 -20.22
CA LEU A 95 -17.46 16.28 -20.33
C LEU A 95 -16.60 17.42 -20.83
N SER A 96 -17.25 18.54 -21.14
CA SER A 96 -16.59 19.61 -21.86
C SER A 96 -15.38 20.14 -21.09
N TRP A 97 -15.39 20.06 -19.76
CA TRP A 97 -14.39 20.73 -18.96
C TRP A 97 -13.23 19.81 -18.56
N VAL A 98 -13.18 18.59 -19.09
CA VAL A 98 -12.06 17.69 -18.78
C VAL A 98 -10.80 18.12 -19.52
N THR A 99 -10.86 18.18 -20.86
CA THR A 99 -9.67 18.46 -21.66
C THR A 99 -9.00 19.79 -21.32
N PRO A 100 -9.72 20.89 -21.05
CA PRO A 100 -8.98 22.12 -20.68
C PRO A 100 -8.25 22.01 -19.35
N ALA A 101 -8.64 21.08 -18.48
CA ALA A 101 -7.88 20.86 -17.26
C ALA A 101 -6.61 20.07 -17.55
N VAL A 102 -6.77 19.01 -18.35
CA VAL A 102 -5.62 18.26 -18.84
C VAL A 102 -4.65 19.18 -19.56
N LYS A 103 -5.17 20.12 -20.35
CA LYS A 103 -4.24 21.05 -20.99
C LYS A 103 -3.55 21.93 -19.95
N GLY A 104 -4.24 22.28 -18.86
CA GLY A 104 -3.56 23.01 -17.79
C GLY A 104 -2.45 22.22 -17.12
N ALA A 105 -2.68 20.93 -16.86
CA ALA A 105 -1.66 20.04 -16.31
C ALA A 105 -0.45 19.95 -17.24
N VAL A 106 -0.69 19.70 -18.53
CA VAL A 106 0.40 19.60 -19.50
C VAL A 106 1.15 20.93 -19.61
N ASP A 107 0.41 22.05 -19.67
CA ASP A 107 1.06 23.36 -19.74
C ASP A 107 2.01 23.61 -18.58
N ALA A 108 1.69 23.09 -17.38
CA ALA A 108 2.54 23.38 -16.24
C ALA A 108 3.92 22.72 -16.41
N PHE A 109 3.94 21.48 -16.92
CA PHE A 109 5.21 20.85 -17.23
C PHE A 109 5.93 21.59 -18.36
N VAL A 110 5.20 21.99 -19.42
CA VAL A 110 5.85 22.66 -20.55
C VAL A 110 6.43 24.02 -20.10
N GLN A 111 5.73 24.71 -19.22
CA GLN A 111 6.19 26.04 -18.84
C GLN A 111 7.23 26.01 -17.74
N ASN A 112 7.38 24.86 -17.09
CA ASN A 112 8.36 24.71 -16.02
C ASN A 112 9.76 24.91 -16.56
N ALA A 113 10.64 25.49 -15.74
CA ALA A 113 12.01 25.77 -16.16
C ALA A 113 12.79 24.54 -16.56
N HIS A 114 12.35 23.34 -16.16
CA HIS A 114 13.09 22.12 -16.43
C HIS A 114 12.57 21.33 -17.61
N PHE A 115 11.67 21.90 -18.42
CA PHE A 115 11.07 21.14 -19.51
C PHE A 115 12.13 20.63 -20.49
N TYR A 116 13.11 21.46 -20.80
CA TYR A 116 14.15 21.07 -21.75
C TYR A 116 15.39 20.52 -21.04
N ASP A 117 15.25 20.04 -19.80
CA ASP A 117 16.36 19.36 -19.15
C ASP A 117 16.76 18.11 -19.93
N ASN A 118 18.05 17.79 -19.85
CA ASN A 118 18.53 16.48 -20.30
C ASN A 118 18.55 15.55 -19.10
N GLY A 119 18.37 14.26 -19.35
CA GLY A 119 18.36 13.29 -18.26
C GLY A 119 17.42 12.12 -18.47
N ASP A 120 17.87 10.93 -18.07
CA ASP A 120 17.04 9.72 -18.22
C ASP A 120 15.75 9.83 -17.42
N ALA A 121 15.83 10.17 -16.13
CA ALA A 121 14.64 10.22 -15.29
C ALA A 121 13.68 11.29 -15.77
N HIS A 122 14.21 12.49 -16.04
CA HIS A 122 13.39 13.55 -16.59
C HIS A 122 12.75 13.13 -17.91
N GLY A 123 13.46 12.36 -18.73
CA GLY A 123 12.89 11.93 -19.98
C GLY A 123 11.76 10.96 -19.79
N LYS A 124 11.79 10.20 -18.69
CA LYS A 124 10.71 9.25 -18.46
C LYS A 124 9.38 9.99 -18.22
N VAL A 125 9.41 11.08 -17.45
CA VAL A 125 8.19 11.87 -17.26
C VAL A 125 7.89 12.70 -18.50
N LEU A 126 8.92 13.26 -19.16
CA LEU A 126 8.68 14.01 -20.38
C LEU A 126 7.96 13.17 -21.42
N ASN A 127 8.35 11.90 -21.54
CA ASN A 127 7.69 10.97 -22.46
C ASN A 127 6.18 10.93 -22.26
N GLU A 128 5.72 10.76 -21.02
CA GLU A 128 4.29 10.74 -20.75
C GLU A 128 3.63 12.05 -21.14
N VAL A 129 4.32 13.17 -20.91
CA VAL A 129 3.77 14.48 -21.25
C VAL A 129 3.60 14.61 -22.76
N ILE A 130 4.66 14.31 -23.52
CA ILE A 130 4.59 14.41 -24.97
C ILE A 130 3.46 13.53 -25.50
N ILE A 131 3.36 12.29 -25.00
CA ILE A 131 2.31 11.38 -25.45
C ILE A 131 0.92 11.91 -25.08
N THR A 132 0.77 12.46 -23.87
CA THR A 132 -0.52 12.99 -23.48
C THR A 132 -0.96 14.11 -24.40
N MET A 133 -0.01 14.89 -24.93
CA MET A 133 -0.36 15.92 -25.89
C MET A 133 -1.10 15.31 -27.08
N ASP A 134 -0.86 14.03 -27.36
CA ASP A 134 -1.45 13.35 -28.49
C ASP A 134 -2.72 12.61 -28.11
N SER A 135 -2.65 11.78 -27.05
CA SER A 135 -3.84 11.09 -26.56
C SER A 135 -5.00 12.07 -26.32
N ALA A 136 -4.72 13.33 -26.02
CA ALA A 136 -5.75 14.23 -25.55
C ALA A 136 -6.20 15.24 -26.60
N GLY A 137 -5.80 15.06 -27.85
CA GLY A 137 -6.23 15.95 -28.92
C GLY A 137 -5.72 17.36 -28.87
N LEU A 138 -4.52 17.57 -28.32
CA LEU A 138 -3.93 18.89 -28.14
C LEU A 138 -2.79 19.18 -29.11
N GLN A 139 -2.68 18.39 -30.19
CA GLN A 139 -1.59 18.58 -31.13
C GLN A 139 -1.51 20.02 -31.64
N HIS A 140 -2.67 20.69 -31.80
CA HIS A 140 -2.68 22.07 -32.27
C HIS A 140 -2.08 23.04 -31.25
N ALA A 141 -2.04 22.69 -29.98
CA ALA A 141 -1.61 23.61 -28.93
C ALA A 141 -0.09 23.66 -28.73
N TYR A 142 0.67 22.69 -29.25
CA TYR A 142 2.07 22.57 -28.87
C TYR A 142 3.02 22.44 -30.06
N LEU A 143 2.75 23.11 -31.17
CA LEU A 143 3.72 23.07 -32.27
C LEU A 143 4.98 23.81 -31.91
N ASP A 144 4.87 24.78 -31.01
CA ASP A 144 6.02 25.52 -30.54
C ASP A 144 6.99 24.61 -29.80
N VAL A 145 6.46 23.66 -29.04
CA VAL A 145 7.30 22.71 -28.30
C VAL A 145 8.02 21.78 -29.26
N VAL A 146 7.30 21.31 -30.29
CA VAL A 146 7.90 20.50 -31.34
C VAL A 146 9.05 21.24 -32.00
N THR A 147 8.82 22.49 -32.37
CA THR A 147 9.86 23.28 -33.01
C THR A 147 11.04 23.47 -32.07
N GLN A 148 10.76 23.62 -30.77
CA GLN A 148 11.82 23.80 -29.79
C GLN A 148 12.66 22.55 -29.62
N TRP A 149 12.01 21.39 -29.46
CA TRP A 149 12.75 20.15 -29.29
C TRP A 149 13.56 19.83 -30.53
N LEU A 150 12.99 20.08 -31.73
CA LEU A 150 13.77 19.85 -32.95
C LEU A 150 15.00 20.74 -32.98
N THR A 151 14.87 21.99 -32.53
CA THR A 151 15.97 22.95 -32.59
C THR A 151 17.05 22.66 -31.54
N ARG A 152 16.65 22.29 -30.31
CA ARG A 152 17.62 22.09 -29.22
C ARG A 152 18.29 20.73 -29.26
N TRP A 153 17.63 19.73 -29.84
CA TRP A 153 18.16 18.38 -29.82
C TRP A 153 19.62 18.36 -30.27
N ASN A 154 20.48 17.70 -29.50
CA ASN A 154 21.91 17.60 -29.83
C ASN A 154 22.43 16.22 -29.42
N ALA A 155 23.75 16.03 -29.60
CA ALA A 155 24.32 14.71 -29.31
C ALA A 155 24.26 14.37 -27.83
N GLN A 156 24.21 15.38 -26.95
CA GLN A 156 24.13 15.11 -25.52
C GLN A 156 22.76 14.57 -25.13
N TYR A 157 21.68 15.17 -25.63
CA TYR A 157 20.37 14.58 -25.37
C TYR A 157 20.31 13.15 -25.90
N ALA A 158 20.99 12.90 -27.02
CA ALA A 158 20.88 11.63 -27.70
C ALA A 158 21.49 10.49 -26.91
N GLU A 159 22.33 10.78 -25.93
CA GLU A 159 22.95 9.71 -25.17
C GLU A 159 21.91 8.91 -24.37
N HIS A 160 20.72 9.48 -24.09
CA HIS A 160 19.75 8.88 -23.20
C HIS A 160 18.58 8.25 -23.96
N TRP A 161 18.40 6.93 -23.79
CA TRP A 161 17.29 6.23 -24.41
C TRP A 161 15.97 6.92 -24.16
N TYR A 162 15.71 7.28 -22.90
CA TYR A 162 14.41 7.84 -22.57
C TYR A 162 14.20 9.21 -23.21
N MET A 163 15.28 9.97 -23.46
CA MET A 163 15.10 11.24 -24.17
C MET A 163 14.80 10.99 -25.64
N ARG A 164 15.58 10.13 -26.31
CA ARG A 164 15.25 9.73 -27.67
C ARG A 164 13.83 9.25 -27.72
N ASN A 165 13.43 8.43 -26.74
CA ASN A 165 12.08 7.89 -26.78
C ASN A 165 11.06 9.00 -26.57
N ALA A 166 11.33 9.95 -25.66
CA ALA A 166 10.38 11.01 -25.40
C ALA A 166 10.27 11.97 -26.59
N VAL A 167 11.40 12.46 -27.08
CA VAL A 167 11.35 13.48 -28.13
C VAL A 167 10.92 12.89 -29.47
N ASN A 168 11.08 11.58 -29.66
CA ASN A 168 10.49 10.93 -30.82
C ASN A 168 8.98 11.07 -30.84
N GLY A 169 8.37 11.39 -29.69
CA GLY A 169 6.93 11.54 -29.63
C GLY A 169 6.39 12.72 -30.40
N VAL A 170 7.20 13.75 -30.65
CA VAL A 170 6.68 14.93 -31.35
C VAL A 170 6.29 14.56 -32.78
N PHE A 171 6.92 13.54 -33.35
CA PHE A 171 6.55 13.14 -34.70
C PHE A 171 5.20 12.44 -34.70
N THR A 172 4.92 11.66 -33.65
CA THR A 172 3.60 11.10 -33.49
C THR A 172 2.56 12.19 -33.28
N LEU A 173 2.98 13.31 -32.69
CA LEU A 173 2.07 14.43 -32.53
C LEU A 173 1.73 15.04 -33.88
N LEU A 174 2.71 15.14 -34.78
CA LEU A 174 2.41 15.66 -36.12
C LEU A 174 1.53 14.67 -36.88
N PHE A 175 1.80 13.37 -36.74
CA PHE A 175 0.93 12.36 -37.34
C PHE A 175 -0.50 12.47 -36.84
N GLY A 176 -0.68 12.53 -35.51
CA GLY A 176 -2.02 12.51 -34.95
C GLY A 176 -2.82 13.76 -35.22
N GLY A 177 -2.15 14.90 -35.44
CA GLY A 177 -2.83 16.14 -35.75
C GLY A 177 -3.62 16.12 -37.04
N GLN A 178 -3.36 15.13 -37.90
CA GLN A 178 -4.18 14.99 -39.11
C GLN A 178 -5.67 14.96 -38.81
N TRP A 179 -6.06 14.37 -37.68
CA TRP A 179 -7.46 14.22 -37.32
C TRP A 179 -7.92 15.28 -36.34
N ASN A 180 -7.25 16.42 -36.33
CA ASN A 180 -7.53 17.50 -35.39
C ASN A 180 -7.76 18.74 -36.24
N ASN A 181 -8.99 19.26 -36.22
CA ASN A 181 -9.33 20.36 -37.11
C ASN A 181 -8.64 21.66 -36.74
N GLN A 182 -8.38 21.91 -35.46
CA GLN A 182 -7.59 23.09 -35.11
C GLN A 182 -6.17 22.99 -35.66
N TYR A 183 -5.64 21.76 -35.76
CA TYR A 183 -4.30 21.56 -36.30
C TYR A 183 -4.27 21.74 -37.82
N THR A 184 -5.19 21.08 -38.54
CA THR A 184 -5.21 21.24 -39.99
C THR A 184 -5.52 22.69 -40.38
N SER A 185 -6.34 23.38 -39.60
CA SER A 185 -6.60 24.80 -39.89
C SER A 185 -5.39 25.69 -39.64
N LEU A 186 -4.38 25.18 -38.98
CA LEU A 186 -3.24 25.95 -38.49
C LEU A 186 -1.90 25.49 -39.06
N ILE A 187 -1.76 24.21 -39.42
CA ILE A 187 -0.47 23.65 -39.77
C ILE A 187 0.18 24.41 -40.91
N GLY A 188 -0.64 24.98 -41.81
CA GLY A 188 -0.19 25.59 -43.05
C GLY A 188 0.61 26.88 -42.90
N GLU A 189 0.66 27.45 -41.69
CA GLU A 189 1.43 28.66 -41.45
C GLU A 189 2.69 28.40 -40.64
N GLN A 190 3.04 27.14 -40.36
CA GLN A 190 4.12 26.83 -39.41
C GLN A 190 5.46 26.72 -40.14
N THR A 191 5.99 27.88 -40.52
CA THR A 191 7.24 27.89 -41.27
C THR A 191 8.44 27.63 -40.36
N ALA A 192 8.36 28.00 -39.09
CA ALA A 192 9.45 27.70 -38.18
C ALA A 192 9.56 26.20 -37.99
N LEU A 193 8.42 25.52 -37.79
CA LEU A 193 8.42 24.07 -37.68
C LEU A 193 9.04 23.42 -38.91
N VAL A 194 8.62 23.83 -40.11
CA VAL A 194 9.12 23.19 -41.32
C VAL A 194 10.61 23.38 -41.44
N THR A 195 11.09 24.60 -41.18
CA THR A 195 12.53 24.83 -41.10
C THR A 195 13.22 23.86 -40.14
N ALA A 196 12.66 23.66 -38.94
CA ALA A 196 13.31 22.80 -37.95
C ALA A 196 13.25 21.33 -38.35
N LEU A 197 12.12 20.88 -38.93
CA LEU A 197 12.07 19.51 -39.42
C LEU A 197 13.12 19.27 -40.46
N GLN A 198 13.41 20.29 -41.27
CA GLN A 198 14.39 20.14 -42.36
C GLN A 198 15.80 19.98 -41.79
N ALA A 199 16.20 20.91 -40.92
CA ALA A 199 17.53 20.86 -40.36
C ALA A 199 17.73 19.58 -39.55
N PHE A 200 16.70 19.11 -38.86
CA PHE A 200 16.85 17.90 -38.04
C PHE A 200 17.10 16.70 -38.93
N ALA A 201 16.29 16.56 -39.97
CA ALA A 201 16.43 15.43 -40.90
C ALA A 201 17.76 15.46 -41.62
N LEU A 202 18.26 16.66 -41.93
CA LEU A 202 19.40 16.83 -42.83
C LEU A 202 20.72 16.77 -42.11
N ASP A 203 20.69 16.72 -40.78
CA ASP A 203 21.87 16.54 -39.96
C ASP A 203 22.56 15.21 -40.24
N ARG A 204 23.72 15.25 -40.90
CA ARG A 204 24.39 14.01 -41.30
C ARG A 204 24.92 13.23 -40.10
N THR A 205 25.12 13.87 -38.95
CA THR A 205 25.72 13.13 -37.84
C THR A 205 24.77 12.07 -37.29
N LYS A 206 23.48 12.17 -37.63
CA LYS A 206 22.52 11.18 -37.22
C LYS A 206 22.66 9.87 -38.00
N VAL A 207 23.27 9.90 -39.19
CA VAL A 207 23.32 8.71 -40.02
C VAL A 207 24.19 7.66 -39.32
N ASN A 208 23.67 6.42 -39.24
CA ASN A 208 24.32 5.29 -38.57
C ASN A 208 24.43 5.46 -37.06
N SER A 209 23.64 6.36 -36.47
CA SER A 209 23.55 6.62 -35.04
C SER A 209 22.34 5.94 -34.44
N PRO A 210 22.26 5.90 -33.11
CA PRO A 210 21.00 5.47 -32.46
C PRO A 210 19.83 6.42 -32.71
N THR A 211 20.07 7.61 -33.27
CA THR A 211 19.01 8.58 -33.56
C THR A 211 18.70 8.66 -35.07
N GLU A 212 19.08 7.65 -35.85
CA GLU A 212 18.76 7.77 -37.26
C GLU A 212 17.28 7.59 -37.49
N PHE A 213 16.61 6.80 -36.64
CA PHE A 213 15.17 6.66 -36.79
C PHE A 213 14.43 7.98 -36.57
N MET A 214 14.94 8.83 -35.67
CA MET A 214 14.32 10.13 -35.51
C MET A 214 14.56 11.02 -36.71
N ALA A 215 15.75 10.95 -37.29
CA ALA A 215 15.98 11.66 -38.53
C ALA A 215 14.97 11.22 -39.58
N ALA A 216 14.68 9.91 -39.63
CA ALA A 216 13.79 9.37 -40.62
C ALA A 216 12.35 9.75 -40.34
N ASN A 217 11.96 9.80 -39.06
CA ASN A 217 10.61 10.24 -38.73
C ASN A 217 10.41 11.72 -39.08
N ALA A 218 11.42 12.55 -38.84
CA ALA A 218 11.33 13.94 -39.28
C ALA A 218 11.10 14.02 -40.79
N ALA A 219 11.88 13.25 -41.57
CA ALA A 219 11.69 13.27 -43.01
C ALA A 219 10.29 12.83 -43.40
N ARG A 220 9.79 11.77 -42.77
CA ARG A 220 8.48 11.25 -43.10
C ARG A 220 7.39 12.29 -42.81
N GLU A 221 7.47 12.95 -41.64
CA GLU A 221 6.43 13.91 -41.34
C GLU A 221 6.57 15.19 -42.15
N LEU A 222 7.78 15.52 -42.62
CA LEU A 222 7.88 16.62 -43.56
C LEU A 222 7.22 16.25 -44.87
N GLY A 223 7.37 14.99 -45.29
CA GLY A 223 6.72 14.55 -46.51
C GLY A 223 5.21 14.64 -46.42
N ARG A 224 4.65 14.42 -45.23
CA ARG A 224 3.21 14.59 -45.05
C ARG A 224 2.80 16.02 -45.33
N LEU A 225 3.61 17.00 -44.92
CA LEU A 225 3.19 18.38 -45.11
C LEU A 225 3.09 18.79 -46.58
N ALA A 226 3.59 17.96 -47.52
CA ALA A 226 3.48 18.31 -48.94
C ALA A 226 2.05 18.21 -49.48
N ARG A 227 1.09 17.75 -48.68
CA ARG A 227 -0.32 17.77 -49.07
C ARG A 227 -0.90 19.18 -49.05
N TYR A 228 -0.33 20.08 -48.25
CA TYR A 228 -0.83 21.44 -48.11
C TYR A 228 -0.28 22.29 -49.25
N THR A 229 -0.79 22.03 -50.45
CA THR A 229 -0.14 22.45 -51.69
C THR A 229 -0.14 23.96 -51.89
N ASP A 230 -1.07 24.67 -51.26
CA ASP A 230 -1.16 26.12 -51.43
C ASP A 230 -0.86 26.90 -50.15
N ALA A 231 -0.45 26.22 -49.08
CA ALA A 231 -0.25 26.93 -47.82
C ALA A 231 1.07 27.68 -47.85
N THR A 232 1.26 28.53 -46.84
CA THR A 232 2.46 29.36 -46.76
C THR A 232 3.73 28.54 -46.60
N ILE A 233 3.64 27.29 -46.15
CA ILE A 233 4.84 26.47 -45.99
C ILE A 233 5.28 25.78 -47.27
N ALA A 234 4.41 25.73 -48.29
CA ALA A 234 4.65 24.90 -49.47
C ALA A 234 6.05 25.03 -50.06
N PRO A 235 6.61 26.23 -50.27
CA PRO A 235 8.00 26.31 -50.79
C PRO A 235 9.03 25.67 -49.86
N LYS A 236 8.94 25.92 -48.56
CA LYS A 236 9.97 25.41 -47.65
C LYS A 236 9.83 23.92 -47.40
N VAL A 237 8.60 23.39 -47.41
CA VAL A 237 8.43 21.94 -47.45
C VAL A 237 9.09 21.38 -48.69
N THR A 238 8.77 21.98 -49.84
CA THR A 238 9.29 21.43 -51.08
C THR A 238 10.79 21.55 -51.12
N GLU A 239 11.31 22.73 -50.80
CA GLU A 239 12.74 22.97 -50.75
C GLU A 239 13.43 21.98 -49.83
N GLY A 240 12.82 21.72 -48.65
CA GLY A 240 13.42 20.82 -47.69
C GLY A 240 13.38 19.36 -48.11
N LEU A 241 12.28 18.93 -48.75
CA LEU A 241 12.22 17.57 -49.29
C LEU A 241 13.23 17.38 -50.41
N THR A 242 13.41 18.39 -51.26
CA THR A 242 14.41 18.27 -52.32
C THR A 242 15.81 18.16 -51.73
N ALA A 243 16.09 18.86 -50.61
CA ALA A 243 17.42 18.73 -49.98
C ALA A 243 17.64 17.33 -49.42
N ILE A 244 16.64 16.76 -48.76
CA ILE A 244 16.76 15.40 -48.26
C ILE A 244 17.05 14.43 -49.41
N PHE A 245 16.25 14.51 -50.48
CA PHE A 245 16.42 13.60 -51.62
C PHE A 245 17.79 13.76 -52.27
N GLY A 246 18.35 14.97 -52.26
CA GLY A 246 19.67 15.19 -52.85
C GLY A 246 20.85 14.85 -51.98
N GLN A 247 20.70 14.93 -50.64
CA GLN A 247 21.83 14.73 -49.73
C GLN A 247 22.05 13.25 -49.42
N TYR A 248 20.96 12.48 -49.27
CA TYR A 248 21.02 11.08 -48.88
C TYR A 248 20.78 10.17 -50.07
N PRO A 249 21.32 8.95 -50.01
CA PRO A 249 21.12 7.99 -51.10
C PRO A 249 19.80 7.25 -50.97
N SER A 250 19.30 6.80 -52.11
CA SER A 250 18.12 5.94 -52.11
C SER A 250 18.40 4.58 -51.50
N TYR A 251 19.65 4.12 -51.60
CA TYR A 251 20.06 2.87 -50.96
C TYR A 251 21.45 3.06 -50.40
N GLY A 252 21.59 2.86 -49.12
CA GLY A 252 22.87 2.95 -48.48
C GLY A 252 22.74 3.73 -47.21
N ASP A 253 23.87 4.23 -46.73
CA ASP A 253 23.91 4.94 -45.46
C ASP A 253 22.99 6.14 -45.50
N GLY A 254 22.00 6.12 -44.61
CA GLY A 254 20.99 7.14 -44.51
C GLY A 254 19.77 6.91 -45.39
N ASP A 255 19.68 5.77 -46.08
CA ASP A 255 18.53 5.60 -46.95
C ASP A 255 17.22 5.58 -46.15
N ALA A 256 17.28 5.32 -44.83
CA ALA A 256 16.07 5.41 -44.03
C ALA A 256 15.48 6.82 -44.08
N ILE A 257 16.32 7.85 -44.12
CA ILE A 257 15.83 9.22 -44.23
C ILE A 257 15.28 9.49 -45.64
N TRP A 258 16.01 9.09 -46.67
CA TRP A 258 15.52 9.24 -48.05
C TRP A 258 14.17 8.55 -48.22
N LEU A 259 14.07 7.30 -47.78
CA LEU A 259 12.84 6.55 -48.00
C LEU A 259 11.70 7.06 -47.11
N GLY A 260 11.99 7.51 -45.90
CA GLY A 260 10.93 8.10 -45.10
C GLY A 260 10.26 9.26 -45.82
N ALA A 261 11.07 10.15 -46.39
CA ALA A 261 10.51 11.29 -47.11
C ALA A 261 9.79 10.85 -48.38
N ALA A 262 10.40 9.93 -49.13
CA ALA A 262 9.80 9.41 -50.35
C ALA A 262 8.48 8.72 -50.11
N ASP A 263 8.30 8.09 -48.95
CA ASP A 263 7.06 7.37 -48.72
C ASP A 263 5.87 8.34 -48.64
N THR A 264 6.01 9.40 -47.84
CA THR A 264 4.91 10.34 -47.66
C THR A 264 4.84 11.39 -48.75
N ALA A 265 5.98 11.87 -49.23
CA ALA A 265 5.89 12.87 -50.28
C ALA A 265 5.30 12.30 -51.56
N SER A 266 5.58 11.03 -51.87
CA SER A 266 4.98 10.39 -53.04
C SER A 266 3.48 10.27 -52.91
N TYR A 267 3.00 9.86 -51.73
CA TYR A 267 1.57 9.67 -51.53
C TYR A 267 0.82 11.01 -51.53
N TYR A 268 1.17 11.92 -50.62
CA TYR A 268 0.45 13.19 -50.49
C TYR A 268 0.80 14.21 -51.56
N ALA A 269 1.78 13.94 -52.41
CA ALA A 269 2.05 14.83 -53.53
C ALA A 269 2.29 14.00 -54.79
N ASP A 270 3.30 14.36 -55.58
CA ASP A 270 3.63 13.70 -56.84
C ASP A 270 5.14 13.54 -56.91
N CYS A 271 5.60 12.33 -57.27
CA CYS A 271 7.05 12.10 -57.32
C CYS A 271 7.78 13.02 -58.29
N SER A 272 7.11 13.46 -59.37
CA SER A 272 7.77 14.27 -60.37
C SER A 272 8.14 15.66 -59.86
N GLN A 273 7.50 16.11 -58.78
CA GLN A 273 7.93 17.33 -58.11
C GLN A 273 9.37 17.25 -57.59
N PHE A 274 9.94 16.05 -57.46
CA PHE A 274 11.25 15.89 -56.84
C PHE A 274 12.18 15.04 -57.69
N ASN A 275 11.79 14.73 -58.92
CA ASN A 275 12.58 13.89 -59.84
C ASN A 275 12.97 12.55 -59.22
N ILE A 276 12.12 12.02 -58.33
CA ILE A 276 12.33 10.68 -57.78
C ILE A 276 11.38 9.64 -58.40
N CYS A 277 10.68 9.99 -59.47
CA CYS A 277 9.76 9.04 -60.08
C CYS A 277 10.49 7.77 -60.53
N GLY A 278 9.91 6.61 -60.21
CA GLY A 278 10.53 5.38 -60.61
C GLY A 278 11.84 5.04 -59.92
N PHE A 279 12.10 5.61 -58.73
CA PHE A 279 13.28 5.21 -57.97
C PHE A 279 13.27 3.73 -57.62
N GLU A 280 12.12 3.07 -57.74
CA GLU A 280 11.95 1.72 -57.22
C GLU A 280 12.79 0.72 -58.00
N ASP A 281 13.00 0.94 -59.30
CA ASP A 281 13.75 -0.03 -60.10
C ASP A 281 15.20 -0.06 -59.68
N ALA A 282 15.85 1.11 -59.66
CA ALA A 282 17.22 1.20 -59.21
C ALA A 282 17.36 0.73 -57.77
N LEU A 283 16.36 1.04 -56.92
CA LEU A 283 16.38 0.52 -55.57
C LEU A 283 16.34 -1.00 -55.57
N ARG A 284 15.49 -1.60 -56.42
CA ARG A 284 15.42 -3.06 -56.46
C ARG A 284 16.75 -3.68 -56.86
N ASP A 285 17.45 -3.09 -57.83
CA ASP A 285 18.75 -3.61 -58.23
C ASP A 285 19.78 -3.41 -57.12
N ALA A 286 19.80 -2.22 -56.52
CA ALA A 286 20.82 -1.96 -55.52
C ALA A 286 20.64 -2.85 -54.29
N ALA A 287 19.39 -3.05 -53.85
CA ALA A 287 19.10 -3.74 -52.60
C ALA A 287 19.09 -5.25 -52.75
N LEU A 288 18.48 -5.79 -53.81
CA LEU A 288 18.55 -7.23 -54.07
C LEU A 288 19.56 -7.46 -55.20
N ASN A 289 20.84 -7.21 -54.86
CA ASN A 289 21.92 -7.14 -55.84
C ASN A 289 22.59 -8.47 -56.11
N GLN A 290 22.31 -9.50 -55.33
CA GLN A 290 22.83 -10.83 -55.59
C GLN A 290 21.88 -11.60 -56.50
N THR A 291 22.40 -12.62 -57.18
CA THR A 291 21.57 -13.49 -57.98
C THR A 291 22.07 -14.90 -57.85
N PHE A 292 21.16 -15.83 -57.64
CA PHE A 292 21.55 -17.23 -57.50
C PHE A 292 20.46 -18.10 -58.08
N ILE A 293 20.82 -18.90 -59.08
CA ILE A 293 19.91 -19.73 -59.86
C ILE A 293 19.92 -21.13 -59.26
N CYS A 294 18.86 -21.50 -58.53
CA CYS A 294 18.74 -22.87 -57.99
C CYS A 294 18.61 -23.87 -59.12
N SER A 295 17.70 -23.60 -60.04
CA SER A 295 17.27 -24.56 -61.03
C SER A 295 16.65 -23.72 -62.14
N ASP A 296 16.22 -24.38 -63.22
CA ASP A 296 15.60 -23.55 -64.27
C ASP A 296 14.19 -23.10 -63.88
N THR A 297 13.71 -23.42 -62.67
CA THR A 297 12.40 -22.99 -62.23
C THR A 297 12.41 -22.10 -60.98
N ILE A 298 13.52 -21.98 -60.27
CA ILE A 298 13.58 -21.13 -59.07
C ILE A 298 14.83 -20.25 -59.13
N LYS A 299 14.63 -18.94 -58.97
CA LYS A 299 15.71 -17.97 -58.99
C LYS A 299 15.65 -17.15 -57.70
N ILE A 300 16.78 -16.98 -57.03
CA ILE A 300 16.85 -16.12 -55.84
C ILE A 300 17.50 -14.79 -56.20
N ARG A 301 16.91 -13.70 -55.74
CA ARG A 301 17.57 -12.40 -55.65
C ARG A 301 17.68 -12.04 -54.17
N SER A 302 18.87 -11.67 -53.73
CA SER A 302 19.09 -11.47 -52.31
C SER A 302 19.97 -10.24 -52.07
N GLN A 303 19.80 -9.67 -50.89
CA GLN A 303 20.59 -8.51 -50.46
C GLN A 303 22.02 -8.93 -50.06
N ASP A 304 22.14 -9.99 -49.26
CA ASP A 304 23.44 -10.39 -48.71
C ASP A 304 23.39 -11.78 -48.07
N MET A 305 23.41 -12.82 -48.89
CA MET A 305 23.43 -14.20 -48.42
C MET A 305 24.76 -14.85 -48.79
N SER A 306 25.21 -15.75 -47.93
CA SER A 306 26.38 -16.54 -48.28
C SER A 306 25.99 -17.61 -49.29
N GLN A 307 26.99 -18.14 -50.00
CA GLN A 307 26.72 -19.24 -50.92
C GLN A 307 26.10 -20.42 -50.19
N ALA A 308 26.55 -20.67 -48.96
CA ALA A 308 26.04 -21.80 -48.21
C ALA A 308 24.55 -21.65 -47.92
N GLN A 309 24.09 -20.41 -47.76
CA GLN A 309 22.66 -20.19 -47.51
C GLN A 309 21.86 -20.42 -48.78
N HIS A 310 22.27 -19.79 -49.88
CA HIS A 310 21.65 -20.01 -51.19
C HIS A 310 21.45 -21.49 -51.47
N LEU A 311 22.52 -22.29 -51.36
CA LEU A 311 22.41 -23.72 -51.61
C LEU A 311 21.42 -24.40 -50.67
N ALA A 312 21.48 -24.09 -49.37
CA ALA A 312 20.55 -24.69 -48.43
C ALA A 312 19.12 -24.30 -48.75
N ALA A 313 18.87 -23.04 -49.07
CA ALA A 313 17.52 -22.61 -49.49
C ALA A 313 17.09 -23.34 -50.76
N CYS A 314 17.98 -23.45 -51.76
CA CYS A 314 17.63 -24.18 -52.98
C CYS A 314 17.33 -25.64 -52.68
N ASP A 315 18.11 -26.25 -51.79
CA ASP A 315 17.89 -27.67 -51.58
C ASP A 315 16.64 -27.89 -50.75
N LYS A 316 16.38 -26.99 -49.80
CA LYS A 316 15.18 -27.09 -48.99
C LYS A 316 13.92 -26.89 -49.84
N MET A 317 13.94 -25.94 -50.79
CA MET A 317 12.76 -25.79 -51.64
C MET A 317 12.53 -27.01 -52.53
N ALA A 318 13.59 -27.69 -52.97
CA ALA A 318 13.40 -28.90 -53.77
C ALA A 318 12.84 -30.03 -52.91
N TYR A 319 13.30 -30.13 -51.67
CA TYR A 319 12.72 -31.12 -50.77
C TYR A 319 11.23 -30.86 -50.55
N GLU A 320 10.86 -29.62 -50.24
CA GLU A 320 9.44 -29.32 -49.97
C GLU A 320 8.57 -29.50 -51.21
N GLU A 321 9.13 -29.29 -52.40
CA GLU A 321 8.35 -29.43 -53.61
C GLU A 321 7.83 -30.86 -53.78
N SER A 322 8.73 -31.84 -53.76
CA SER A 322 8.25 -33.21 -53.94
C SER A 322 7.43 -33.67 -52.75
N PHE A 323 7.74 -33.21 -51.55
CA PHE A 323 6.90 -33.53 -50.41
C PHE A 323 5.50 -32.92 -50.57
N PHE A 324 5.43 -31.68 -51.09
CA PHE A 324 4.13 -31.07 -51.31
C PHE A 324 3.28 -31.94 -52.24
N HIS A 325 3.86 -32.36 -53.37
CA HIS A 325 3.11 -33.01 -54.43
C HIS A 325 2.64 -34.40 -54.03
N THR A 326 3.34 -35.09 -53.15
CA THR A 326 2.77 -36.36 -52.72
C THR A 326 1.74 -36.15 -51.60
N THR A 327 1.91 -35.13 -50.77
CA THR A 327 0.93 -34.93 -49.71
C THR A 327 -0.38 -34.41 -50.27
N LEU A 328 -0.32 -33.63 -51.36
CA LEU A 328 -1.49 -33.02 -51.96
C LEU A 328 -2.01 -33.80 -53.16
N GLU A 329 -1.32 -34.88 -53.56
CA GLU A 329 -1.81 -35.78 -54.60
C GLU A 329 -2.08 -35.04 -55.91
N THR A 330 -1.16 -34.17 -56.29
CA THR A 330 -1.32 -33.31 -57.44
C THR A 330 -1.09 -34.04 -58.76
N GLY A 331 -0.41 -35.18 -58.75
CA GLY A 331 0.09 -35.72 -60.00
C GLY A 331 1.04 -34.80 -60.73
N ASN A 332 1.58 -33.79 -60.06
CA ASN A 332 2.35 -32.72 -60.71
C ASN A 332 1.58 -32.02 -61.81
N GLN A 333 0.24 -32.06 -61.76
CA GLN A 333 -0.57 -31.41 -62.78
C GLN A 333 -1.03 -30.07 -62.24
N PRO A 334 -0.71 -28.97 -62.89
CA PRO A 334 -1.16 -27.66 -62.39
C PRO A 334 -2.62 -27.43 -62.72
N VAL A 335 -3.21 -26.43 -62.06
CA VAL A 335 -4.54 -25.99 -62.45
C VAL A 335 -4.46 -25.35 -63.83
N ALA A 336 -5.59 -25.30 -64.52
CA ALA A 336 -5.63 -24.72 -65.86
C ALA A 336 -5.34 -23.22 -65.82
N ASP A 337 -4.91 -22.70 -66.97
CA ASP A 337 -4.64 -21.26 -67.14
C ASP A 337 -3.57 -20.75 -66.18
N ASP A 338 -2.58 -21.58 -65.88
CA ASP A 338 -1.49 -21.22 -64.97
C ASP A 338 -0.17 -21.59 -65.64
N HIS A 339 0.61 -20.56 -66.01
CA HIS A 339 1.94 -20.76 -66.59
C HIS A 339 3.06 -20.40 -65.64
N ASN A 340 2.79 -20.34 -64.32
CA ASN A 340 3.79 -19.94 -63.33
C ASN A 340 4.84 -21.04 -63.11
N THR A 341 5.56 -21.41 -64.17
CA THR A 341 6.57 -22.45 -64.04
C THR A 341 7.78 -21.97 -63.25
N GLN A 342 8.13 -20.69 -63.40
CA GLN A 342 9.31 -20.09 -62.80
C GLN A 342 8.93 -19.26 -61.58
N LEU A 343 9.66 -19.44 -60.49
CA LEU A 343 9.45 -18.64 -59.31
C LEU A 343 10.66 -17.73 -59.11
N GLN A 344 10.42 -16.53 -58.60
CA GLN A 344 11.50 -15.66 -58.15
C GLN A 344 11.42 -15.43 -56.64
N VAL A 345 12.52 -15.65 -55.96
CA VAL A 345 12.58 -15.59 -54.49
C VAL A 345 13.42 -14.37 -54.12
N ASN A 346 12.86 -13.48 -53.32
CA ASN A 346 13.48 -12.21 -52.97
C ASN A 346 13.71 -12.18 -51.45
N ILE A 347 14.96 -12.04 -51.05
CA ILE A 347 15.36 -12.24 -49.65
C ILE A 347 16.17 -11.05 -49.20
N PHE A 348 15.63 -10.27 -48.27
CA PHE A 348 16.35 -9.15 -47.70
C PHE A 348 17.21 -9.63 -46.52
N ASN A 349 18.13 -8.77 -46.09
CA ASN A 349 19.05 -9.19 -45.04
C ASN A 349 18.40 -9.30 -43.67
N SER A 350 17.27 -8.61 -43.43
CA SER A 350 16.62 -8.61 -42.12
C SER A 350 15.18 -8.09 -42.24
N ASP A 351 14.41 -8.26 -41.17
CA ASP A 351 13.08 -7.65 -41.12
C ASP A 351 13.17 -6.13 -41.24
N THR A 352 14.20 -5.53 -40.64
CA THR A 352 14.40 -4.09 -40.80
C THR A 352 14.47 -3.71 -42.28
N ASP A 353 15.34 -4.39 -43.05
CA ASP A 353 15.50 -4.05 -44.47
C ASP A 353 14.19 -4.28 -45.22
N TYR A 354 13.57 -5.45 -44.99
CA TYR A 354 12.26 -5.76 -45.59
C TYR A 354 11.28 -4.62 -45.38
N GLY A 355 11.18 -4.12 -44.14
CA GLY A 355 10.25 -3.03 -43.85
C GLY A 355 10.61 -1.71 -44.51
N LYS A 356 11.85 -1.56 -44.96
CA LYS A 356 12.31 -0.35 -45.63
C LYS A 356 12.15 -0.40 -47.16
N TYR A 357 12.22 -1.57 -47.76
CA TYR A 357 12.50 -1.73 -49.19
C TYR A 357 11.42 -2.48 -49.92
N ALA A 358 10.84 -3.50 -49.28
CA ALA A 358 9.83 -4.30 -49.96
C ALA A 358 8.59 -3.47 -50.29
N GLY A 359 8.25 -2.52 -49.43
CA GLY A 359 7.17 -1.61 -49.67
C GLY A 359 7.29 -0.91 -51.02
N PRO A 360 8.33 -0.11 -51.20
CA PRO A 360 8.46 0.58 -52.49
C PRO A 360 8.74 -0.36 -53.64
N ILE A 361 9.45 -1.46 -53.43
CA ILE A 361 9.86 -2.29 -54.56
C ILE A 361 8.70 -3.14 -55.06
N PHE A 362 8.02 -3.85 -54.18
CA PHE A 362 6.94 -4.74 -54.59
C PHE A 362 5.54 -4.21 -54.27
N GLY A 363 5.43 -3.02 -53.71
CA GLY A 363 4.12 -2.44 -53.39
C GLY A 363 3.31 -3.22 -52.37
N ILE A 364 3.95 -3.86 -51.41
CA ILE A 364 3.24 -4.65 -50.42
C ILE A 364 3.22 -3.90 -49.10
N ASP A 365 2.42 -4.41 -48.17
CA ASP A 365 2.57 -4.00 -46.77
C ASP A 365 3.55 -4.96 -46.10
N THR A 366 4.40 -4.41 -45.24
CA THR A 366 5.46 -5.19 -44.62
C THR A 366 5.19 -5.48 -43.13
N ASN A 367 3.98 -5.22 -42.66
CA ASN A 367 3.60 -5.52 -41.29
C ASN A 367 3.32 -7.01 -41.11
N ASN A 368 4.28 -7.86 -41.46
CA ASN A 368 4.06 -9.30 -41.48
C ASN A 368 5.41 -9.97 -41.61
N GLY A 369 5.40 -11.30 -41.77
CA GLY A 369 6.65 -12.04 -41.88
C GLY A 369 7.02 -12.58 -43.24
N GLY A 370 6.66 -11.87 -44.31
CA GLY A 370 6.87 -12.35 -45.66
C GLY A 370 5.58 -12.30 -46.45
N MET A 371 5.73 -12.49 -47.77
CA MET A 371 4.55 -12.29 -48.62
C MET A 371 4.77 -13.00 -49.96
N TYR A 372 3.71 -13.62 -50.49
CA TYR A 372 3.71 -14.24 -51.81
C TYR A 372 2.82 -13.47 -52.80
N LEU A 373 3.33 -13.26 -54.01
CA LEU A 373 2.64 -12.51 -55.07
C LEU A 373 2.51 -13.34 -56.35
N GLU A 374 1.32 -13.92 -56.57
CA GLU A 374 1.08 -14.83 -57.68
C GLU A 374 1.05 -14.13 -59.02
N GLY A 375 0.84 -12.83 -59.05
CA GLY A 375 0.62 -12.22 -60.35
C GLY A 375 -0.61 -12.82 -61.02
N ASN A 376 -0.61 -12.78 -62.37
CA ASN A 376 -1.66 -13.34 -63.20
C ASN A 376 -1.14 -14.64 -63.80
N PRO A 377 -1.54 -15.82 -63.29
CA PRO A 377 -0.98 -17.08 -63.83
C PRO A 377 -1.33 -17.28 -65.29
N ALA A 378 -2.44 -16.71 -65.75
CA ALA A 378 -2.87 -16.89 -67.13
C ALA A 378 -2.03 -16.08 -68.10
N ASN A 379 -1.32 -15.08 -67.61
CA ASN A 379 -0.50 -14.23 -68.44
C ASN A 379 0.77 -14.98 -68.86
N VAL A 380 0.96 -15.18 -70.15
CA VAL A 380 2.17 -15.83 -70.64
C VAL A 380 3.37 -14.97 -70.27
N GLY A 381 4.34 -15.55 -69.60
CA GLY A 381 5.50 -14.80 -69.16
C GLY A 381 5.45 -14.33 -67.73
N ASN A 382 4.31 -14.49 -67.05
CA ASN A 382 4.22 -14.08 -65.66
C ASN A 382 5.24 -14.84 -64.81
N ILE A 383 5.99 -14.12 -64.00
CA ILE A 383 6.86 -14.78 -63.03
C ILE A 383 6.46 -14.32 -61.64
N PRO A 384 5.90 -15.20 -60.81
CA PRO A 384 5.52 -14.82 -59.46
C PRO A 384 6.74 -14.68 -58.55
N ASN A 385 6.54 -13.93 -57.47
CA ASN A 385 7.56 -13.59 -56.50
C ASN A 385 7.05 -13.88 -55.10
N PHE A 386 7.93 -14.34 -54.22
CA PHE A 386 7.69 -14.17 -52.80
C PHE A 386 8.85 -13.41 -52.21
N ILE A 387 8.57 -12.69 -51.12
CA ILE A 387 9.52 -11.81 -50.48
C ILE A 387 9.70 -12.28 -49.05
N ALA A 388 10.93 -12.34 -48.58
CA ALA A 388 11.21 -12.85 -47.24
C ALA A 388 12.41 -12.13 -46.68
N TYR A 389 12.76 -12.45 -45.44
CA TYR A 389 13.95 -11.88 -44.85
C TYR A 389 14.67 -12.93 -44.02
N GLU A 390 15.99 -12.74 -43.89
CA GLU A 390 16.81 -13.57 -43.01
C GLU A 390 16.49 -13.24 -41.56
N ALA A 391 16.66 -14.23 -40.69
CA ALA A 391 16.51 -14.02 -39.26
C ALA A 391 17.24 -15.13 -38.54
N SER A 392 17.75 -14.81 -37.34
CA SER A 392 18.53 -15.79 -36.59
C SER A 392 17.66 -16.93 -36.06
N TYR A 393 16.38 -16.66 -35.84
CA TYR A 393 15.45 -17.69 -35.41
C TYR A 393 14.90 -18.51 -36.58
N ALA A 394 15.20 -18.13 -37.83
CA ALA A 394 14.73 -18.91 -38.98
C ALA A 394 15.40 -20.29 -39.00
N ASN A 395 15.04 -21.10 -40.02
CA ASN A 395 15.50 -22.49 -40.00
C ASN A 395 16.89 -22.61 -40.65
N PRO A 396 17.84 -23.29 -40.01
CA PRO A 396 19.10 -23.60 -40.69
C PRO A 396 18.86 -24.62 -41.78
N ASP A 397 19.77 -24.65 -42.76
CA ASP A 397 20.98 -23.85 -42.79
C ASP A 397 20.81 -22.56 -43.58
N HIS A 398 19.61 -22.33 -44.14
CA HIS A 398 19.41 -21.14 -44.97
C HIS A 398 19.13 -19.91 -44.12
N PHE A 399 18.50 -20.09 -42.96
CA PHE A 399 18.11 -18.99 -42.06
C PHE A 399 17.22 -17.92 -42.71
N VAL A 400 16.34 -18.32 -43.64
CA VAL A 400 15.37 -17.41 -44.24
C VAL A 400 14.05 -17.64 -43.53
N TRP A 401 13.51 -16.58 -42.94
CA TRP A 401 12.25 -16.68 -42.22
C TRP A 401 11.11 -17.00 -43.19
N ASN A 402 10.38 -18.07 -42.91
CA ASN A 402 9.22 -18.47 -43.69
C ASN A 402 9.58 -18.88 -45.10
N LEU A 403 10.83 -19.32 -45.35
CA LEU A 403 11.20 -19.77 -46.69
C LEU A 403 10.23 -20.84 -47.18
N GLU A 404 10.10 -21.92 -46.40
CA GLU A 404 9.22 -22.99 -46.80
C GLU A 404 7.74 -22.56 -46.73
N HIS A 405 7.39 -21.63 -45.85
CA HIS A 405 6.00 -21.19 -45.76
C HIS A 405 5.57 -20.46 -47.05
N GLU A 406 6.31 -19.42 -47.43
CA GLU A 406 5.97 -18.70 -48.64
C GLU A 406 6.02 -19.62 -49.87
N TYR A 407 6.99 -20.55 -49.91
CA TYR A 407 7.16 -21.43 -51.07
C TYR A 407 5.98 -22.36 -51.23
N VAL A 408 5.39 -22.80 -50.11
CA VAL A 408 4.18 -23.61 -50.21
C VAL A 408 3.03 -22.77 -50.74
N HIS A 409 3.06 -21.44 -50.51
CA HIS A 409 2.05 -20.57 -51.14
C HIS A 409 2.16 -20.59 -52.65
N TYR A 410 3.40 -20.56 -53.17
CA TYR A 410 3.58 -20.65 -54.60
C TYR A 410 3.03 -21.97 -55.10
N LEU A 411 3.40 -23.06 -54.43
CA LEU A 411 2.94 -24.38 -54.84
C LEU A 411 1.43 -24.49 -54.71
N ASP A 412 0.88 -24.05 -53.57
CA ASP A 412 -0.57 -24.09 -53.34
C ASP A 412 -1.33 -23.32 -54.42
N GLY A 413 -0.85 -22.14 -54.78
CA GLY A 413 -1.57 -21.33 -55.76
C GLY A 413 -1.56 -21.92 -57.16
N ARG A 414 -0.56 -22.72 -57.50
CA ARG A 414 -0.42 -23.26 -58.83
C ARG A 414 -1.07 -24.64 -58.97
N PHE A 415 -1.20 -25.39 -57.87
CA PHE A 415 -1.70 -26.76 -57.95
C PHE A 415 -3.00 -26.98 -57.17
N ASN A 416 -3.41 -26.07 -56.31
CA ASN A 416 -4.66 -26.25 -55.58
C ASN A 416 -5.72 -25.22 -55.90
N MET A 417 -5.34 -23.97 -56.20
CA MET A 417 -6.22 -22.83 -56.21
C MET A 417 -6.32 -22.23 -57.60
N TYR A 418 -7.46 -22.46 -58.25
CA TYR A 418 -7.68 -21.93 -59.59
C TYR A 418 -7.65 -20.40 -59.59
N GLY A 419 -7.14 -19.81 -60.67
CA GLY A 419 -7.11 -18.36 -60.84
C GLY A 419 -6.12 -17.65 -59.94
N ASP A 420 -5.99 -16.34 -60.14
CA ASP A 420 -5.06 -15.51 -59.37
C ASP A 420 -5.54 -15.41 -57.90
N PHE A 421 -4.89 -14.54 -57.11
CA PHE A 421 -5.09 -14.58 -55.66
C PHE A 421 -6.46 -14.07 -55.25
N GLY A 422 -6.98 -13.06 -55.96
CA GLY A 422 -8.28 -12.52 -55.61
C GLY A 422 -9.47 -13.27 -56.16
N THR A 423 -9.27 -14.25 -57.04
CA THR A 423 -10.34 -14.96 -57.73
C THR A 423 -11.43 -15.55 -56.82
N PRO A 424 -11.12 -16.24 -55.71
CA PRO A 424 -12.18 -16.89 -54.93
C PRO A 424 -13.28 -15.94 -54.44
N THR A 425 -14.51 -16.45 -54.44
CA THR A 425 -15.66 -15.71 -53.95
C THR A 425 -16.11 -16.21 -52.57
N GLU A 426 -15.28 -17.02 -51.93
CA GLU A 426 -15.49 -17.48 -50.58
C GLU A 426 -14.15 -17.44 -49.85
N LEU A 427 -14.23 -17.41 -48.53
CA LEU A 427 -13.04 -17.31 -47.70
C LEU A 427 -12.17 -18.57 -47.84
N VAL A 428 -10.90 -18.37 -48.18
CA VAL A 428 -9.94 -19.46 -48.23
C VAL A 428 -8.74 -19.18 -47.33
N VAL A 429 -8.86 -18.23 -46.39
CA VAL A 429 -7.70 -17.89 -45.59
C VAL A 429 -7.22 -19.08 -44.78
N TRP A 430 -8.17 -19.82 -44.18
CA TRP A 430 -7.79 -20.95 -43.34
C TRP A 430 -7.02 -22.00 -44.13
N TRP A 431 -7.36 -22.20 -45.41
CA TRP A 431 -6.72 -23.24 -46.20
C TRP A 431 -5.35 -22.81 -46.69
N SER A 432 -5.25 -21.60 -47.25
CA SER A 432 -3.97 -21.11 -47.74
C SER A 432 -2.95 -21.09 -46.63
N GLU A 433 -3.30 -20.47 -45.49
CA GLU A 433 -2.33 -20.43 -44.40
C GLU A 433 -2.19 -21.77 -43.71
N GLY A 434 -3.27 -22.55 -43.67
CA GLY A 434 -3.19 -23.86 -43.03
C GLY A 434 -2.30 -24.84 -43.78
N VAL A 435 -2.50 -24.97 -45.10
CA VAL A 435 -1.67 -25.87 -45.90
C VAL A 435 -0.24 -25.38 -45.93
N ALA A 436 -0.02 -24.06 -45.92
CA ALA A 436 1.34 -23.54 -45.89
C ALA A 436 2.03 -23.88 -44.57
N GLU A 437 1.32 -23.76 -43.45
CA GLU A 437 1.90 -24.19 -42.18
C GLU A 437 2.03 -25.71 -42.10
N TYR A 438 0.99 -26.46 -42.50
CA TYR A 438 1.04 -27.90 -42.29
C TYR A 438 2.12 -28.56 -43.15
N VAL A 439 2.26 -28.17 -44.42
CA VAL A 439 3.25 -28.81 -45.27
C VAL A 439 4.67 -28.46 -44.84
N SER A 440 4.88 -27.23 -44.35
CA SER A 440 6.23 -26.83 -44.02
C SER A 440 6.65 -27.33 -42.63
N ARG A 441 5.68 -27.56 -41.73
CA ARG A 441 6.00 -27.96 -40.36
C ARG A 441 5.55 -29.36 -39.98
N VAL A 442 4.62 -29.95 -40.73
CA VAL A 442 4.08 -31.27 -40.43
C VAL A 442 3.55 -31.29 -39.01
N ASN A 443 4.26 -31.99 -38.11
CA ASN A 443 3.80 -32.19 -36.74
C ASN A 443 4.62 -31.40 -35.73
N ASP A 444 5.53 -30.54 -36.17
CA ASP A 444 6.38 -29.75 -35.28
C ASP A 444 5.83 -28.33 -35.22
N ASN A 445 4.91 -28.10 -34.28
CA ASN A 445 4.28 -26.80 -34.13
C ASN A 445 3.92 -26.59 -32.67
N PRO A 446 4.90 -26.24 -31.83
CA PRO A 446 4.60 -26.07 -30.39
C PRO A 446 3.57 -24.99 -30.08
N GLN A 447 3.47 -23.92 -30.88
CA GLN A 447 2.46 -22.90 -30.59
C GLN A 447 1.05 -23.39 -30.92
N ALA A 448 0.90 -24.20 -31.98
CA ALA A 448 -0.43 -24.72 -32.27
C ALA A 448 -0.90 -25.63 -31.14
N ILE A 449 0.00 -26.46 -30.61
CA ILE A 449 -0.30 -27.22 -29.41
C ILE A 449 -0.62 -26.29 -28.26
N ALA A 450 0.19 -25.22 -28.12
CA ALA A 450 0.01 -24.30 -27.00
C ALA A 450 -1.39 -23.70 -26.98
N THR A 451 -1.91 -23.33 -28.16
CA THR A 451 -3.18 -22.64 -28.21
C THR A 451 -4.36 -23.55 -27.94
N ILE A 452 -4.14 -24.87 -27.88
CA ILE A 452 -5.21 -25.77 -27.44
C ILE A 452 -5.31 -25.79 -25.93
N GLN A 453 -4.17 -25.77 -25.23
CA GLN A 453 -4.12 -25.90 -23.79
C GLN A 453 -4.53 -24.64 -23.02
N ASP A 454 -4.44 -23.46 -23.63
CA ASP A 454 -4.64 -22.20 -22.92
C ASP A 454 -6.11 -21.87 -22.65
N GLY A 455 -7.02 -22.80 -22.96
CA GLY A 455 -8.43 -22.62 -22.69
C GLY A 455 -9.23 -21.98 -23.80
N SER A 456 -8.58 -21.22 -24.70
CA SER A 456 -9.27 -20.57 -25.81
C SER A 456 -9.08 -21.42 -27.07
N THR A 457 -10.19 -21.94 -27.60
CA THR A 457 -10.18 -22.72 -28.82
C THR A 457 -11.18 -22.16 -29.82
N TYR A 458 -11.13 -22.69 -31.05
CA TYR A 458 -12.07 -22.35 -32.11
C TYR A 458 -12.69 -23.61 -32.67
N THR A 459 -13.91 -23.48 -33.18
CA THR A 459 -14.54 -24.60 -33.85
C THR A 459 -14.17 -24.60 -35.33
N LEU A 460 -14.37 -25.76 -35.97
CA LEU A 460 -14.20 -25.86 -37.41
C LEU A 460 -14.96 -24.76 -38.14
N ALA A 461 -16.23 -24.56 -37.77
CA ALA A 461 -17.00 -23.51 -38.40
C ALA A 461 -16.30 -22.16 -38.26
N GLN A 462 -15.82 -21.84 -37.05
CA GLN A 462 -15.14 -20.57 -36.83
C GLN A 462 -13.83 -20.49 -37.59
N VAL A 463 -13.08 -21.60 -37.71
CA VAL A 463 -11.83 -21.56 -38.46
C VAL A 463 -12.09 -21.18 -39.91
N PHE A 464 -13.05 -21.86 -40.53
CA PHE A 464 -13.32 -21.71 -41.96
C PHE A 464 -13.69 -20.28 -42.33
N ASP A 465 -14.31 -19.54 -41.41
CA ASP A 465 -14.74 -18.17 -41.67
C ASP A 465 -13.70 -17.12 -41.25
N THR A 466 -12.45 -17.53 -41.01
CA THR A 466 -11.40 -16.62 -40.60
C THR A 466 -11.04 -15.67 -41.73
N THR A 467 -10.69 -14.43 -41.36
CA THR A 467 -10.22 -13.44 -42.31
C THR A 467 -8.89 -12.87 -41.83
N TYR A 468 -8.27 -12.05 -42.68
CA TYR A 468 -7.04 -11.37 -42.33
C TYR A 468 -7.27 -10.11 -41.50
N ASP A 469 -8.53 -9.70 -41.34
CA ASP A 469 -8.88 -8.51 -40.58
C ASP A 469 -8.32 -8.56 -39.17
N GLY A 470 -7.62 -7.51 -38.78
CA GLY A 470 -6.98 -7.48 -37.49
C GLY A 470 -5.77 -8.36 -37.36
N PHE A 471 -5.49 -9.21 -38.35
CA PHE A 471 -4.28 -10.04 -38.36
C PHE A 471 -4.15 -10.80 -37.04
N ASP A 472 -5.16 -11.64 -36.77
CA ASP A 472 -5.15 -12.54 -35.63
C ASP A 472 -4.26 -13.72 -35.99
N VAL A 473 -2.97 -13.57 -35.69
CA VAL A 473 -1.98 -14.58 -36.04
C VAL A 473 -2.33 -15.94 -35.45
N ASP A 474 -2.89 -15.95 -34.24
CA ASP A 474 -3.28 -17.21 -33.61
C ASP A 474 -4.38 -17.89 -34.41
N ARG A 475 -5.45 -17.15 -34.70
CA ARG A 475 -6.54 -17.76 -35.43
C ARG A 475 -6.14 -18.12 -36.86
N ILE A 476 -5.39 -17.26 -37.53
CA ILE A 476 -5.05 -17.51 -38.94
C ILE A 476 -4.14 -18.72 -39.07
N TYR A 477 -2.97 -18.67 -38.44
CA TYR A 477 -1.91 -19.64 -38.70
C TYR A 477 -1.95 -20.87 -37.80
N ARG A 478 -2.26 -20.73 -36.51
CA ARG A 478 -2.26 -21.90 -35.64
C ARG A 478 -3.53 -22.73 -35.82
N TRP A 479 -4.70 -22.07 -35.82
CA TRP A 479 -5.95 -22.78 -36.04
C TRP A 479 -6.17 -23.12 -37.51
N GLY A 480 -5.63 -22.32 -38.42
CA GLY A 480 -5.53 -22.80 -39.78
C GLY A 480 -4.73 -24.09 -39.86
N TYR A 481 -3.58 -24.13 -39.15
CA TYR A 481 -2.73 -25.32 -39.12
C TYR A 481 -3.49 -26.53 -38.59
N LEU A 482 -4.11 -26.40 -37.40
CA LEU A 482 -4.77 -27.53 -36.77
C LEU A 482 -5.88 -28.09 -37.66
N ALA A 483 -6.70 -27.22 -38.26
CA ALA A 483 -7.80 -27.69 -39.09
C ALA A 483 -7.28 -28.44 -40.31
N VAL A 484 -6.28 -27.89 -41.00
CA VAL A 484 -5.73 -28.59 -42.15
C VAL A 484 -5.09 -29.90 -41.71
N ARG A 485 -4.35 -29.89 -40.60
CA ARG A 485 -3.70 -31.11 -40.15
C ARG A 485 -4.74 -32.18 -39.78
N PHE A 486 -5.74 -31.81 -38.98
CA PHE A 486 -6.81 -32.75 -38.62
C PHE A 486 -7.45 -33.38 -39.84
N MET A 487 -7.86 -32.54 -40.80
CA MET A 487 -8.52 -33.05 -41.99
C MET A 487 -7.61 -34.00 -42.74
N PHE A 488 -6.32 -33.68 -42.82
CA PHE A 488 -5.41 -34.57 -43.56
C PHE A 488 -5.24 -35.91 -42.83
N GLU A 489 -5.13 -35.88 -41.50
CA GLU A 489 -4.92 -37.13 -40.77
C GLU A 489 -6.17 -38.01 -40.80
N ARG A 490 -7.36 -37.42 -40.60
CA ARG A 490 -8.60 -38.16 -40.43
C ARG A 490 -9.56 -38.12 -41.62
N HIS A 491 -9.32 -37.30 -42.65
CA HIS A 491 -10.25 -37.30 -43.79
C HIS A 491 -9.56 -36.94 -45.09
N PRO A 492 -8.45 -37.59 -45.45
CA PRO A 492 -7.76 -37.21 -46.69
C PRO A 492 -8.61 -37.42 -47.93
N ASP A 493 -9.60 -38.31 -47.86
CA ASP A 493 -10.56 -38.44 -48.94
C ASP A 493 -11.34 -37.14 -49.11
N GLU A 494 -11.89 -36.61 -48.01
CA GLU A 494 -12.63 -35.37 -48.07
C GLU A 494 -11.77 -34.21 -48.58
N VAL A 495 -10.49 -34.16 -48.18
CA VAL A 495 -9.62 -33.11 -48.68
C VAL A 495 -9.55 -33.13 -50.21
N GLN A 496 -9.48 -34.31 -50.81
CA GLN A 496 -9.36 -34.35 -52.28
C GLN A 496 -10.63 -33.86 -52.95
N ARG A 497 -11.79 -34.06 -52.32
CA ARG A 497 -13.03 -33.58 -52.92
C ARG A 497 -13.10 -32.06 -52.88
N MET A 498 -12.75 -31.47 -51.73
CA MET A 498 -12.63 -30.01 -51.64
C MET A 498 -11.66 -29.48 -52.69
N LEU A 499 -10.49 -30.10 -52.83
CA LEU A 499 -9.51 -29.64 -53.80
C LEU A 499 -10.02 -29.77 -55.20
N SER A 500 -10.84 -30.78 -55.46
CA SER A 500 -11.44 -30.90 -56.79
C SER A 500 -12.27 -29.66 -57.14
N ALA A 501 -12.91 -29.03 -56.14
CA ALA A 501 -13.59 -27.77 -56.37
C ALA A 501 -12.59 -26.61 -56.54
N THR A 502 -11.66 -26.47 -55.59
CA THR A 502 -10.77 -25.31 -55.66
C THR A 502 -9.82 -25.40 -56.86
N ARG A 503 -9.44 -26.61 -57.28
CA ARG A 503 -8.60 -26.73 -58.47
C ARG A 503 -9.32 -26.29 -59.73
N GLN A 504 -10.64 -26.14 -59.66
CA GLN A 504 -11.42 -25.72 -60.81
C GLN A 504 -12.14 -24.40 -60.57
N GLY A 505 -12.07 -23.86 -59.36
CA GLY A 505 -12.65 -22.56 -59.10
C GLY A 505 -14.12 -22.59 -58.74
N ARG A 506 -14.64 -23.74 -58.32
CA ARG A 506 -16.02 -23.84 -57.87
C ARG A 506 -16.10 -23.47 -56.38
N TRP A 507 -15.99 -22.16 -56.13
CA TRP A 507 -15.92 -21.69 -54.76
C TRP A 507 -17.24 -21.89 -54.02
N ALA A 508 -18.37 -21.94 -54.74
CA ALA A 508 -19.64 -22.21 -54.09
C ALA A 508 -19.70 -23.66 -53.61
N GLU A 509 -19.31 -24.60 -54.48
CA GLU A 509 -19.24 -26.00 -54.07
C GLU A 509 -18.19 -26.22 -52.98
N TYR A 510 -17.05 -25.53 -53.07
CA TYR A 510 -16.04 -25.62 -52.01
C TYR A 510 -16.61 -25.17 -50.67
N LYS A 511 -17.27 -24.01 -50.66
CA LYS A 511 -17.87 -23.53 -49.41
C LYS A 511 -18.92 -24.51 -48.91
N ALA A 512 -19.64 -25.14 -49.84
CA ALA A 512 -20.63 -26.14 -49.47
C ALA A 512 -19.99 -27.32 -48.79
N ILE A 513 -18.88 -27.81 -49.36
CA ILE A 513 -18.18 -28.96 -48.81
C ILE A 513 -17.72 -28.69 -47.39
N ILE A 514 -17.01 -27.57 -47.18
CA ILE A 514 -16.36 -27.38 -45.87
C ILE A 514 -17.39 -27.04 -44.80
N SER A 515 -18.53 -26.42 -45.17
CA SER A 515 -19.58 -26.17 -44.20
C SER A 515 -20.24 -27.46 -43.71
N GLY A 516 -20.32 -28.47 -44.58
CA GLY A 516 -20.66 -29.80 -44.11
C GLY A 516 -19.70 -30.32 -43.04
N TRP A 517 -18.38 -30.31 -43.33
CA TRP A 517 -17.38 -30.71 -42.34
C TRP A 517 -17.62 -30.04 -41.00
N ALA A 518 -17.92 -28.75 -41.01
CA ALA A 518 -18.03 -28.00 -39.76
C ALA A 518 -19.21 -28.44 -38.92
N ASN A 519 -20.21 -29.07 -39.54
CA ASN A 519 -21.37 -29.63 -38.82
C ASN A 519 -21.06 -31.00 -38.24
N GLN A 520 -20.66 -31.94 -39.10
CA GLN A 520 -20.36 -33.31 -38.67
C GLN A 520 -19.11 -33.37 -37.80
N TYR A 521 -17.93 -33.14 -38.40
CA TYR A 521 -16.64 -33.42 -37.76
C TYR A 521 -16.34 -32.52 -36.60
N GLN A 522 -17.22 -31.63 -36.13
CA GLN A 522 -16.84 -30.80 -34.98
C GLN A 522 -16.54 -31.66 -33.76
N SER A 523 -17.30 -32.75 -33.59
CA SER A 523 -17.03 -33.68 -32.51
C SER A 523 -15.63 -34.28 -32.66
N GLU A 524 -15.35 -34.88 -33.82
CA GLU A 524 -14.03 -35.45 -34.06
C GLU A 524 -12.94 -34.43 -33.78
N PHE A 525 -13.07 -33.22 -34.36
CA PHE A 525 -12.04 -32.20 -34.22
C PHE A 525 -11.81 -31.84 -32.76
N ALA A 526 -12.89 -31.56 -32.03
CA ALA A 526 -12.73 -31.19 -30.62
C ALA A 526 -12.02 -32.29 -29.85
N GLN A 527 -12.41 -33.55 -30.09
CA GLN A 527 -11.73 -34.68 -29.48
C GLN A 527 -10.29 -34.79 -29.98
N TRP A 528 -10.07 -34.65 -31.29
CA TRP A 528 -8.74 -34.80 -31.86
C TRP A 528 -7.75 -33.75 -31.37
N THR A 529 -8.22 -32.54 -31.07
CA THR A 529 -7.33 -31.50 -30.56
C THR A 529 -7.00 -31.71 -29.08
N GLU A 530 -7.89 -32.34 -28.32
CA GLU A 530 -7.57 -32.61 -26.92
C GLU A 530 -6.51 -33.68 -26.81
N ALA A 531 -6.52 -34.65 -27.73
CA ALA A 531 -5.47 -35.66 -27.78
C ALA A 531 -4.10 -35.01 -27.98
N LEU A 532 -4.02 -34.01 -28.86
CA LEU A 532 -2.75 -33.31 -29.07
C LEU A 532 -2.28 -32.64 -27.79
N ALA A 533 -3.21 -32.10 -26.98
CA ALA A 533 -2.84 -31.48 -25.72
C ALA A 533 -2.47 -32.51 -24.67
N LYS A 534 -2.78 -33.79 -24.91
CA LYS A 534 -2.44 -34.87 -23.98
C LYS A 534 -1.03 -35.35 -24.36
N GLY A 535 -0.91 -36.00 -25.52
CA GLY A 535 0.39 -36.48 -25.97
C GLY A 535 0.40 -37.15 -27.33
N GLU B 3 -4.96 1.89 3.04
CA GLU B 3 -6.30 1.34 3.14
C GLU B 3 -6.45 0.42 4.35
N GLN B 4 -5.47 -0.47 4.54
CA GLN B 4 -5.43 -1.38 5.68
C GLN B 4 -3.98 -1.59 6.09
N CYS B 5 -3.78 -1.88 7.38
CA CYS B 5 -2.42 -1.98 7.92
C CYS B 5 -1.76 -3.29 7.52
N ASP B 6 -0.56 -3.17 6.93
CA ASP B 6 0.28 -4.29 6.53
C ASP B 6 1.58 -4.24 7.34
N LEU B 7 1.59 -4.92 8.49
CA LEU B 7 2.75 -4.84 9.39
C LEU B 7 4.01 -5.48 8.79
N SER B 8 3.85 -6.39 7.82
CA SER B 8 5.03 -7.06 7.27
C SER B 8 5.91 -6.11 6.47
N GLN B 9 5.32 -5.03 5.93
CA GLN B 9 6.07 -4.03 5.18
C GLN B 9 7.17 -3.39 6.02
N PHE B 10 7.09 -3.48 7.34
CA PHE B 10 8.10 -2.95 8.24
C PHE B 10 9.21 -3.95 8.53
N GLN B 11 9.02 -5.21 8.12
CA GLN B 11 10.01 -6.26 8.36
C GLN B 11 10.94 -6.32 7.14
N THR B 12 11.79 -5.29 7.04
CA THR B 12 12.66 -5.17 5.87
C THR B 12 14.01 -4.60 6.25
N THR B 13 14.99 -4.88 5.38
CA THR B 13 16.36 -4.37 5.47
C THR B 13 16.55 -3.05 4.72
N SER B 14 15.60 -2.69 3.85
CA SER B 14 15.65 -1.48 3.02
C SER B 14 15.13 -0.29 3.82
N SER B 15 16.03 0.65 4.15
CA SER B 15 15.60 1.90 4.78
C SER B 15 14.55 2.59 3.94
N ASN B 16 14.73 2.54 2.61
CA ASN B 16 13.79 3.15 1.69
C ASN B 16 12.39 2.56 1.88
N GLN B 17 12.27 1.24 1.78
CA GLN B 17 10.94 0.62 1.88
C GLN B 17 10.35 0.83 3.27
N LEU B 18 11.18 0.93 4.31
CA LEU B 18 10.64 1.19 5.64
C LEU B 18 9.94 2.54 5.68
N MET B 19 10.58 3.58 5.16
CA MET B 19 9.98 4.90 5.15
C MET B 19 8.75 4.96 4.24
N ALA B 20 8.79 4.25 3.12
CA ALA B 20 7.57 4.10 2.34
C ALA B 20 6.46 3.49 3.19
N ALA B 21 6.82 2.51 4.02
CA ALA B 21 5.82 1.88 4.89
C ALA B 21 5.28 2.86 5.91
N ILE B 22 6.15 3.72 6.45
CA ILE B 22 5.73 4.66 7.48
C ILE B 22 4.82 5.73 6.89
N ARG B 23 5.27 6.40 5.82
CA ARG B 23 4.50 7.50 5.26
C ARG B 23 3.22 7.03 4.57
N GLN B 24 3.16 5.76 4.17
CA GLN B 24 1.95 5.29 3.50
C GLN B 24 0.93 4.72 4.47
N GLN B 25 1.38 3.93 5.42
CA GLN B 25 0.44 3.29 6.34
C GLN B 25 -0.04 4.25 7.43
N GLY B 26 0.72 5.31 7.71
CA GLY B 26 0.31 6.32 8.65
C GLY B 26 0.52 5.91 10.11
N ALA B 27 0.40 6.91 10.98
CA ALA B 27 0.74 6.73 12.39
C ALA B 27 -0.07 5.61 13.05
N SER B 28 -1.30 5.40 12.60
CA SER B 28 -2.17 4.39 13.21
C SER B 28 -1.66 2.97 12.96
N CYS B 29 -0.92 2.75 11.88
CA CYS B 29 -0.33 1.44 11.65
C CYS B 29 1.02 1.28 12.33
N VAL B 30 1.81 2.35 12.40
CA VAL B 30 3.06 2.32 13.14
C VAL B 30 2.84 1.87 14.58
N ASN B 31 1.62 2.06 15.10
CA ASN B 31 1.30 1.62 16.46
C ASN B 31 1.61 0.14 16.70
N ALA B 32 1.39 -0.71 15.68
CA ALA B 32 1.57 -2.14 15.90
C ALA B 32 3.00 -2.47 16.32
N LEU B 33 3.96 -1.60 15.97
CA LEU B 33 5.36 -1.88 16.24
C LEU B 33 5.70 -1.86 17.72
N PHE B 34 4.84 -1.28 18.56
CA PHE B 34 5.07 -1.31 19.99
C PHE B 34 4.95 -2.73 20.52
N SER B 35 4.09 -3.56 19.92
CA SER B 35 3.76 -4.89 20.44
C SER B 35 3.89 -5.99 19.40
N ALA B 36 4.67 -5.80 18.35
CA ALA B 36 4.82 -6.86 17.35
C ALA B 36 5.82 -7.90 17.84
N ASP B 37 5.67 -9.12 17.30
CA ASP B 37 6.65 -10.18 17.54
C ASP B 37 8.06 -9.67 17.28
N THR B 38 9.02 -10.23 18.02
CA THR B 38 10.40 -9.77 17.94
C THR B 38 11.05 -10.04 16.58
N GLY B 39 10.42 -10.86 15.71
CA GLY B 39 10.88 -10.93 14.34
C GLY B 39 10.62 -9.63 13.59
N VAL B 40 9.48 -9.00 13.86
CA VAL B 40 9.17 -7.69 13.31
C VAL B 40 10.04 -6.59 13.94
N GLN B 41 10.11 -6.57 15.28
CA GLN B 41 10.81 -5.48 15.94
C GLN B 41 12.29 -5.46 15.58
N GLU B 42 12.93 -6.63 15.55
CA GLU B 42 14.36 -6.66 15.27
C GLU B 42 14.66 -6.12 13.88
N ALA B 43 13.82 -6.47 12.91
CA ALA B 43 13.99 -5.91 11.57
C ALA B 43 13.75 -4.40 11.57
N ALA B 44 12.61 -3.95 12.14
CA ALA B 44 12.19 -2.57 11.95
C ALA B 44 13.05 -1.57 12.72
N PHE B 45 13.77 -1.97 13.75
CA PHE B 45 14.48 -1.02 14.60
C PHE B 45 15.99 -1.24 14.63
N SER B 46 16.61 -1.63 13.50
CA SER B 46 18.08 -1.71 13.45
C SER B 46 18.71 -0.34 13.63
N SER B 47 19.95 -0.31 14.11
CA SER B 47 20.58 0.99 14.36
C SER B 47 20.79 1.81 13.10
N ASN B 48 20.99 1.17 11.94
CA ASN B 48 21.06 1.92 10.69
C ASN B 48 19.72 2.56 10.37
N HIS B 49 18.66 1.74 10.32
CA HIS B 49 17.28 2.20 10.14
C HIS B 49 16.97 3.45 10.97
N MET B 50 17.16 3.38 12.27
CA MET B 50 16.93 4.55 13.11
C MET B 50 17.76 5.75 12.65
N TYR B 51 19.00 5.52 12.19
CA TYR B 51 19.82 6.63 11.73
C TYR B 51 19.27 7.23 10.43
N ASN B 52 18.80 6.36 9.53
CA ASN B 52 18.34 6.85 8.24
C ASN B 52 17.01 7.59 8.39
N VAL B 53 16.06 6.99 9.11
CA VAL B 53 14.77 7.63 9.34
C VAL B 53 14.92 8.93 10.11
N ALA B 54 15.81 8.94 11.10
CA ALA B 54 16.03 10.15 11.88
C ALA B 54 16.58 11.28 11.01
N GLN B 55 17.49 10.97 10.09
CA GLN B 55 18.08 12.01 9.25
C GLN B 55 17.10 12.49 8.19
N TYR B 56 16.29 11.58 7.65
CA TYR B 56 15.20 11.98 6.77
C TYR B 56 14.19 12.82 7.52
N THR B 57 13.94 12.48 8.79
CA THR B 57 12.99 13.25 9.58
C THR B 57 13.55 14.64 9.87
N ARG B 58 14.86 14.76 10.01
CA ARG B 58 15.43 16.08 10.28
CA ARG B 58 15.45 16.07 10.27
C ARG B 58 15.23 17.00 9.08
N THR B 59 15.51 16.51 7.87
CA THR B 59 15.42 17.42 6.73
C THR B 59 13.97 17.72 6.39
N LEU B 60 13.10 16.72 6.50
CA LEU B 60 11.67 16.96 6.33
C LEU B 60 11.16 17.99 7.34
N ALA B 61 11.57 17.88 8.62
CA ALA B 61 11.06 18.79 9.64
C ALA B 61 11.56 20.21 9.43
N GLN B 62 12.76 20.37 8.87
CA GLN B 62 13.22 21.70 8.47
C GLN B 62 12.30 22.30 7.42
N GLN B 63 11.61 21.45 6.63
CA GLN B 63 10.75 21.94 5.56
C GLN B 63 9.33 22.21 6.05
N TYR B 64 9.00 21.77 7.25
CA TYR B 64 7.67 21.95 7.81
C TYR B 64 7.24 23.41 7.68
N ALA B 65 5.99 23.61 7.25
CA ALA B 65 5.48 24.97 7.08
C ALA B 65 4.16 25.17 7.82
N GLY B 66 3.95 24.45 8.93
CA GLY B 66 2.71 24.55 9.68
C GLY B 66 1.61 23.66 9.12
N GLY B 67 0.47 23.67 9.82
CA GLY B 67 -0.74 23.00 9.37
C GLY B 67 -0.86 21.52 9.69
N GLY B 68 0.09 20.94 10.40
CA GLY B 68 0.07 19.51 10.67
C GLY B 68 0.80 18.71 9.60
N SER B 69 0.91 17.42 9.86
CA SER B 69 1.67 16.55 8.98
C SER B 69 1.47 15.09 9.35
N ASP B 70 0.66 14.36 8.57
CA ASP B 70 0.45 12.95 8.85
C ASP B 70 1.76 12.18 8.84
N GLU B 71 2.73 12.64 8.05
CA GLU B 71 3.97 11.91 7.84
C GLU B 71 4.95 12.14 8.99
N LEU B 72 5.24 13.39 9.31
CA LEU B 72 6.08 13.69 10.47
C LEU B 72 5.53 13.02 11.72
N GLU B 73 4.21 13.09 11.92
CA GLU B 73 3.59 12.41 13.05
C GLU B 73 4.00 10.94 13.08
N ALA B 74 3.99 10.28 11.93
CA ALA B 74 4.32 8.87 11.92
C ALA B 74 5.82 8.65 12.07
N LEU B 75 6.63 9.61 11.62
CA LEU B 75 8.07 9.42 11.69
C LEU B 75 8.55 9.53 13.13
N TYR B 76 8.13 10.58 13.83
CA TYR B 76 8.49 10.65 15.23
C TYR B 76 7.83 9.53 16.02
N LEU B 77 6.65 9.09 15.59
CA LEU B 77 6.06 7.92 16.23
C LEU B 77 6.95 6.70 16.03
N TYR B 78 7.37 6.44 14.79
CA TYR B 78 8.29 5.34 14.53
C TYR B 78 9.54 5.42 15.42
N LEU B 79 10.15 6.60 15.50
CA LEU B 79 11.41 6.76 16.22
C LEU B 79 11.23 6.42 17.70
N ARG B 80 10.21 7.01 18.35
CA ARG B 80 10.03 6.80 19.78
C ARG B 80 9.53 5.40 20.08
N ALA B 81 8.81 4.78 19.13
CA ALA B 81 8.54 3.35 19.21
C ALA B 81 9.83 2.53 19.20
N GLY B 82 10.88 3.05 18.57
CA GLY B 82 12.15 2.34 18.59
C GLY B 82 12.74 2.24 19.98
N TYR B 83 12.73 3.34 20.72
CA TYR B 83 13.29 3.34 22.07
C TYR B 83 12.48 2.45 23.00
N TYR B 84 11.15 2.41 22.80
CA TYR B 84 10.33 1.43 23.50
C TYR B 84 10.80 0.01 23.20
N ALA B 85 11.08 -0.28 21.93
CA ALA B 85 11.53 -1.62 21.57
C ALA B 85 12.91 -1.91 22.15
N GLU B 86 13.81 -0.92 22.14
CA GLU B 86 15.13 -1.12 22.74
C GLU B 86 15.01 -1.53 24.20
N PHE B 87 14.00 -1.00 24.88
CA PHE B 87 13.84 -1.16 26.32
C PHE B 87 13.15 -2.49 26.67
N TYR B 88 12.00 -2.76 26.08
CA TYR B 88 11.30 -3.98 26.44
CA TYR B 88 11.16 -3.94 26.26
C TYR B 88 11.75 -5.19 25.62
N ASN B 89 12.81 -5.06 24.84
CA ASN B 89 13.31 -6.16 24.01
C ASN B 89 14.83 -6.28 24.18
N SER B 90 15.27 -7.48 24.60
CA SER B 90 16.68 -7.73 24.88
C SER B 90 17.54 -7.91 23.62
N ASN B 91 16.95 -8.35 22.51
CA ASN B 91 17.66 -8.51 21.24
C ASN B 91 17.87 -7.20 20.50
N ILE B 92 17.70 -6.04 21.14
CA ILE B 92 17.72 -4.75 20.47
C ILE B 92 18.51 -3.77 21.34
N THR B 93 19.65 -3.28 20.84
CA THR B 93 20.43 -2.23 21.48
C THR B 93 20.90 -1.23 20.43
N PHE B 94 20.66 0.05 20.68
CA PHE B 94 21.05 1.10 19.74
C PHE B 94 22.48 1.55 20.01
N LEU B 95 23.16 1.92 18.93
CA LEU B 95 24.57 2.27 18.99
C LEU B 95 24.80 3.74 19.31
N SER B 96 26.09 4.09 19.49
CA SER B 96 26.47 5.38 20.04
C SER B 96 25.96 6.55 19.19
N TRP B 97 25.78 6.34 17.88
CA TRP B 97 25.44 7.39 16.94
C TRP B 97 23.97 7.43 16.57
N VAL B 98 23.11 6.66 17.23
CA VAL B 98 21.68 6.74 16.97
C VAL B 98 21.09 7.97 17.64
N THR B 99 21.23 8.05 18.96
CA THR B 99 20.61 9.15 19.69
C THR B 99 20.99 10.55 19.21
N PRO B 100 22.25 10.86 18.87
CA PRO B 100 22.53 12.25 18.44
C PRO B 100 21.86 12.62 17.10
N ALA B 101 21.48 11.62 16.28
CA ALA B 101 20.71 11.88 15.08
C ALA B 101 19.23 12.06 15.39
N VAL B 102 18.69 11.18 16.24
CA VAL B 102 17.34 11.37 16.73
C VAL B 102 17.21 12.74 17.38
N LYS B 103 18.24 13.19 18.08
CA LYS B 103 18.19 14.54 18.62
C LYS B 103 18.24 15.59 17.52
N GLY B 104 18.98 15.33 16.44
CA GLY B 104 18.99 16.25 15.31
C GLY B 104 17.62 16.35 14.63
N ALA B 105 16.92 15.21 14.52
CA ALA B 105 15.55 15.19 14.03
C ALA B 105 14.64 16.05 14.92
N VAL B 106 14.73 15.85 16.24
CA VAL B 106 13.94 16.63 17.19
C VAL B 106 14.35 18.10 17.18
N ASP B 107 15.65 18.37 17.17
CA ASP B 107 16.07 19.77 17.09
C ASP B 107 15.50 20.46 15.87
N ALA B 108 15.29 19.73 14.76
CA ALA B 108 14.78 20.35 13.53
C ALA B 108 13.34 20.82 13.70
N PHE B 109 12.49 20.00 14.30
CA PHE B 109 11.14 20.46 14.57
C PHE B 109 11.13 21.60 15.57
N VAL B 110 11.93 21.50 16.64
CA VAL B 110 11.93 22.51 17.71
C VAL B 110 12.40 23.87 17.18
N GLN B 111 13.36 23.88 16.27
CA GLN B 111 13.88 25.16 15.77
C GLN B 111 13.05 25.71 14.61
N ASN B 112 12.11 24.92 14.10
CA ASN B 112 11.27 25.39 13.01
C ASN B 112 10.42 26.57 13.46
N ALA B 113 10.20 27.53 12.55
CA ALA B 113 9.43 28.73 12.91
C ALA B 113 8.02 28.40 13.37
N HIS B 114 7.52 27.20 13.04
CA HIS B 114 6.16 26.81 13.37
C HIS B 114 6.05 25.98 14.65
N PHE B 115 7.13 25.87 15.42
CA PHE B 115 7.10 24.99 16.59
C PHE B 115 6.02 25.39 17.59
N TYR B 116 5.82 26.69 17.80
CA TYR B 116 4.81 27.13 18.75
C TYR B 116 3.50 27.52 18.09
N ASP B 117 3.27 27.04 16.86
CA ASP B 117 1.98 27.23 16.22
C ASP B 117 0.87 26.64 17.08
N ASN B 118 -0.31 27.25 17.00
CA ASN B 118 -1.52 26.68 17.57
C ASN B 118 -2.27 25.92 16.49
N GLY B 119 -3.00 24.89 16.90
CA GLY B 119 -3.79 24.08 15.99
C GLY B 119 -3.87 22.61 16.33
N ASP B 120 -5.03 21.98 16.14
CA ASP B 120 -5.15 20.55 16.40
C ASP B 120 -4.19 19.74 15.55
N ALA B 121 -4.16 19.96 14.23
CA ALA B 121 -3.31 19.14 13.37
C ALA B 121 -1.84 19.29 13.74
N HIS B 122 -1.37 20.55 13.91
CA HIS B 122 0.00 20.78 14.34
C HIS B 122 0.27 20.14 15.68
N GLY B 123 -0.71 20.15 16.59
CA GLY B 123 -0.49 19.59 17.91
C GLY B 123 -0.37 18.08 17.89
N LYS B 124 -0.97 17.44 16.90
CA LYS B 124 -0.88 15.99 16.81
C LYS B 124 0.57 15.56 16.57
N VAL B 125 1.25 16.23 15.63
CA VAL B 125 2.65 15.90 15.40
C VAL B 125 3.52 16.44 16.53
N LEU B 126 3.18 17.62 17.05
CA LEU B 126 3.93 18.18 18.18
C LEU B 126 3.93 17.22 19.36
N ASN B 127 2.78 16.58 19.63
CA ASN B 127 2.69 15.57 20.68
C ASN B 127 3.78 14.53 20.55
N GLU B 128 3.93 13.96 19.35
CA GLU B 128 4.94 12.94 19.16
C GLU B 128 6.34 13.49 19.41
N VAL B 129 6.58 14.74 19.04
CA VAL B 129 7.89 15.33 19.27
C VAL B 129 8.17 15.43 20.75
N ILE B 130 7.21 16.01 21.51
CA ILE B 130 7.37 16.17 22.95
C ILE B 130 7.67 14.83 23.62
N ILE B 131 6.91 13.78 23.28
CA ILE B 131 7.14 12.48 23.88
C ILE B 131 8.51 11.94 23.50
N THR B 132 8.90 12.10 22.24
CA THR B 132 10.21 11.62 21.82
C THR B 132 11.34 12.26 22.63
N MET B 133 11.18 13.50 23.06
CA MET B 133 12.18 14.08 23.95
C MET B 133 12.37 13.24 25.21
N ASP B 134 11.36 12.44 25.58
CA ASP B 134 11.33 11.59 26.75
C ASP B 134 11.71 10.15 26.43
N SER B 135 11.11 9.57 25.40
CA SER B 135 11.48 8.24 24.94
C SER B 135 12.97 8.11 24.65
N ALA B 136 13.65 9.22 24.33
CA ALA B 136 15.02 9.16 23.84
C ALA B 136 16.05 9.64 24.86
N GLY B 137 15.65 9.86 26.11
CA GLY B 137 16.61 10.31 27.09
C GLY B 137 17.12 11.72 26.87
N LEU B 138 16.31 12.59 26.25
CA LEU B 138 16.78 13.94 25.93
C LEU B 138 16.17 15.01 26.83
N GLN B 139 15.60 14.62 27.97
CA GLN B 139 14.99 15.60 28.88
C GLN B 139 15.94 16.72 29.24
N HIS B 140 17.24 16.43 29.35
CA HIS B 140 18.22 17.47 29.68
C HIS B 140 18.37 18.50 28.57
N ALA B 141 17.96 18.16 27.35
CA ALA B 141 18.23 19.00 26.18
C ALA B 141 17.22 20.11 25.98
N TYR B 142 16.03 20.03 26.58
CA TYR B 142 14.96 20.91 26.17
C TYR B 142 14.22 21.55 27.35
N LEU B 143 14.94 21.85 28.43
CA LEU B 143 14.28 22.51 29.54
C LEU B 143 13.83 23.91 29.17
N ASP B 144 14.57 24.59 28.29
CA ASP B 144 14.17 25.93 27.89
C ASP B 144 12.89 25.90 27.04
N VAL B 145 12.68 24.79 26.31
CA VAL B 145 11.45 24.59 25.55
C VAL B 145 10.26 24.37 26.47
N VAL B 146 10.45 23.59 27.54
CA VAL B 146 9.41 23.45 28.55
C VAL B 146 9.05 24.81 29.11
N THR B 147 10.06 25.62 29.41
CA THR B 147 9.80 26.96 29.91
C THR B 147 9.06 27.81 28.88
N GLN B 148 9.36 27.62 27.60
CA GLN B 148 8.68 28.40 26.56
C GLN B 148 7.21 28.03 26.45
N TRP B 149 6.91 26.73 26.43
CA TRP B 149 5.52 26.31 26.33
C TRP B 149 4.71 26.77 27.54
N LEU B 150 5.28 26.66 28.75
CA LEU B 150 4.57 27.13 29.93
C LEU B 150 4.29 28.62 29.85
N THR B 151 5.25 29.40 29.34
CA THR B 151 5.09 30.85 29.31
C THR B 151 4.08 31.28 28.24
N ARG B 152 4.11 30.62 27.06
CA ARG B 152 3.27 30.98 25.91
C ARG B 152 1.85 30.46 26.01
N TRP B 153 1.65 29.37 26.76
CA TRP B 153 0.33 28.78 26.85
C TRP B 153 -0.72 29.81 27.27
N ASN B 154 -1.85 29.83 26.57
CA ASN B 154 -2.98 30.72 26.87
C ASN B 154 -4.28 30.01 26.50
N ALA B 155 -5.40 30.74 26.60
CA ALA B 155 -6.73 30.14 26.40
C ALA B 155 -6.94 29.68 24.96
N GLN B 156 -6.30 30.32 24.00
CA GLN B 156 -6.47 29.92 22.60
C GLN B 156 -5.84 28.55 22.34
N TYR B 157 -4.61 28.34 22.81
CA TYR B 157 -4.02 26.99 22.71
C TYR B 157 -4.90 25.97 23.42
N ALA B 158 -5.55 26.38 24.52
CA ALA B 158 -6.28 25.45 25.36
C ALA B 158 -7.53 24.93 24.70
N GLU B 159 -8.04 25.62 23.67
CA GLU B 159 -9.24 25.14 23.01
C GLU B 159 -9.04 23.80 22.31
N HIS B 160 -7.79 23.44 21.97
CA HIS B 160 -7.52 22.29 21.14
C HIS B 160 -7.09 21.09 21.97
N TRP B 161 -7.87 20.02 21.89
CA TRP B 161 -7.57 18.79 22.62
C TRP B 161 -6.13 18.34 22.40
N TYR B 162 -5.70 18.31 21.14
CA TYR B 162 -4.36 17.82 20.83
C TYR B 162 -3.27 18.76 21.33
N MET B 163 -3.56 20.07 21.47
CA MET B 163 -2.55 20.96 22.04
C MET B 163 -2.42 20.73 23.54
N ARG B 164 -3.55 20.65 24.25
CA ARG B 164 -3.51 20.24 25.67
C ARG B 164 -2.78 18.93 25.82
N ASN B 165 -3.09 17.95 24.98
CA ASN B 165 -2.45 16.66 25.12
C ASN B 165 -0.96 16.76 24.81
N ALA B 166 -0.60 17.53 23.79
CA ALA B 166 0.80 17.66 23.42
C ALA B 166 1.58 18.42 24.49
N VAL B 167 1.07 19.55 24.94
CA VAL B 167 1.83 20.35 25.89
C VAL B 167 1.80 19.73 27.29
N ASN B 168 0.82 18.89 27.58
CA ASN B 168 0.88 18.12 28.82
C ASN B 168 2.07 17.19 28.85
N GLY B 169 2.71 16.94 27.70
CA GLY B 169 3.84 16.03 27.66
C GLY B 169 5.06 16.57 28.37
N VAL B 170 5.21 17.90 28.48
CA VAL B 170 6.40 18.44 29.13
C VAL B 170 6.47 18.04 30.60
N PHE B 171 5.33 17.71 31.20
CA PHE B 171 5.39 17.29 32.60
C PHE B 171 5.94 15.87 32.75
N THR B 172 5.62 14.97 31.82
CA THR B 172 6.30 13.68 31.85
C THR B 172 7.78 13.83 31.49
N LEU B 173 8.14 14.88 30.76
CA LEU B 173 9.54 15.15 30.48
C LEU B 173 10.29 15.51 31.75
N LEU B 174 9.66 16.29 32.63
CA LEU B 174 10.26 16.58 33.93
C LEU B 174 10.28 15.34 34.81
N PHE B 175 9.21 14.54 34.76
CA PHE B 175 9.18 13.27 35.47
C PHE B 175 10.27 12.32 34.99
N GLY B 176 10.39 12.14 33.67
CA GLY B 176 11.31 11.14 33.15
C GLY B 176 12.77 11.50 33.32
N GLY B 177 13.06 12.80 33.41
CA GLY B 177 14.42 13.26 33.67
C GLY B 177 14.99 12.79 34.99
N GLN B 178 14.16 12.27 35.89
CA GLN B 178 14.69 11.71 37.15
C GLN B 178 15.74 10.64 36.89
N TRP B 179 15.58 9.83 35.84
CA TRP B 179 16.49 8.75 35.48
C TRP B 179 17.54 9.17 34.47
N ASN B 180 17.85 10.47 34.39
CA ASN B 180 18.81 11.01 33.44
C ASN B 180 19.82 11.85 34.21
N ASN B 181 21.08 11.39 34.25
CA ASN B 181 22.08 12.04 35.08
C ASN B 181 22.46 13.42 34.55
N GLN B 182 22.34 13.64 33.25
CA GLN B 182 22.54 14.98 32.71
C GLN B 182 21.45 15.93 33.18
N TYR B 183 20.23 15.41 33.38
CA TYR B 183 19.11 16.24 33.82
C TYR B 183 19.22 16.57 35.30
N THR B 184 19.41 15.54 36.14
CA THR B 184 19.52 15.73 37.59
C THR B 184 20.73 16.60 37.93
N SER B 185 21.79 16.50 37.15
CA SER B 185 22.94 17.38 37.31
C SER B 185 22.65 18.82 36.91
N LEU B 186 21.51 19.06 36.25
CA LEU B 186 21.23 20.35 35.62
C LEU B 186 20.02 21.05 36.23
N ILE B 187 19.03 20.31 36.71
CA ILE B 187 17.74 20.87 37.04
C ILE B 187 17.86 21.96 38.09
N GLY B 188 18.80 21.81 39.03
CA GLY B 188 18.92 22.65 40.20
C GLY B 188 19.32 24.08 39.91
N GLU B 189 19.67 24.40 38.68
CA GLU B 189 19.97 25.76 38.28
C GLU B 189 18.88 26.36 37.39
N GLN B 190 17.78 25.65 37.17
CA GLN B 190 16.75 26.08 36.22
C GLN B 190 15.70 26.95 36.92
N THR B 191 16.11 28.20 37.21
CA THR B 191 15.20 29.11 37.90
C THR B 191 14.10 29.64 36.97
N ALA B 192 14.39 29.78 35.68
CA ALA B 192 13.38 30.19 34.74
C ALA B 192 12.29 29.14 34.61
N LEU B 193 12.69 27.86 34.50
CA LEU B 193 11.72 26.77 34.51
C LEU B 193 10.83 26.84 35.75
N VAL B 194 11.46 27.03 36.93
CA VAL B 194 10.72 27.06 38.19
C VAL B 194 9.77 28.26 38.24
N THR B 195 10.23 29.44 37.85
CA THR B 195 9.32 30.57 37.75
C THR B 195 8.10 30.21 36.90
N ALA B 196 8.34 29.61 35.73
CA ALA B 196 7.23 29.35 34.80
C ALA B 196 6.30 28.27 35.32
N LEU B 197 6.84 27.24 35.98
CA LEU B 197 5.96 26.23 36.57
C LEU B 197 5.03 26.85 37.59
N GLN B 198 5.47 27.92 38.24
CA GLN B 198 4.72 28.55 39.31
C GLN B 198 3.52 29.32 38.75
N ALA B 199 3.77 30.22 37.80
CA ALA B 199 2.70 31.01 37.21
C ALA B 199 1.66 30.12 36.52
N PHE B 200 2.11 29.02 35.88
CA PHE B 200 1.19 28.12 35.21
C PHE B 200 0.28 27.44 36.23
N ALA B 201 0.86 26.98 37.33
CA ALA B 201 0.07 26.33 38.36
C ALA B 201 -0.90 27.30 39.04
N LEU B 202 -0.47 28.56 39.23
CA LEU B 202 -1.19 29.52 40.07
C LEU B 202 -2.26 30.32 39.31
N ASP B 203 -2.28 30.22 37.99
CA ASP B 203 -3.31 30.82 37.15
C ASP B 203 -4.70 30.26 37.49
N ARG B 204 -5.54 31.09 38.12
CA ARG B 204 -6.84 30.64 38.61
C ARG B 204 -7.80 30.24 37.50
N THR B 205 -7.59 30.73 36.26
CA THR B 205 -8.55 30.50 35.19
C THR B 205 -8.60 29.04 34.76
N LYS B 206 -7.59 28.25 35.09
CA LYS B 206 -7.57 26.84 34.72
C LYS B 206 -8.53 26.01 35.58
N VAL B 207 -8.90 26.49 36.77
CA VAL B 207 -9.73 25.70 37.67
C VAL B 207 -11.10 25.49 37.03
N ASN B 208 -11.58 24.24 37.06
CA ASN B 208 -12.83 23.76 36.50
C ASN B 208 -12.86 23.81 34.98
N SER B 209 -11.73 24.06 34.33
CA SER B 209 -11.60 24.08 32.88
C SER B 209 -10.98 22.78 32.41
N PRO B 210 -11.01 22.50 31.10
CA PRO B 210 -10.34 21.29 30.60
C PRO B 210 -8.83 21.26 30.79
N THR B 211 -8.21 22.39 31.14
CA THR B 211 -6.78 22.45 31.38
C THR B 211 -6.44 22.47 32.87
N GLU B 212 -7.34 22.04 33.74
CA GLU B 212 -6.98 22.01 35.16
C GLU B 212 -6.03 20.87 35.46
N PHE B 213 -6.12 19.76 34.70
CA PHE B 213 -5.19 18.66 34.90
C PHE B 213 -3.76 19.08 34.58
N MET B 214 -3.58 19.99 33.64
CA MET B 214 -2.25 20.52 33.38
C MET B 214 -1.79 21.43 34.51
N ALA B 215 -2.70 22.20 35.09
CA ALA B 215 -2.35 22.97 36.27
C ALA B 215 -1.87 22.05 37.39
N ALA B 216 -2.53 20.90 37.52
CA ALA B 216 -2.23 19.96 38.58
C ALA B 216 -0.90 19.25 38.35
N ASN B 217 -0.61 18.90 37.10
CA ASN B 217 0.65 18.26 36.79
C ASN B 217 1.82 19.22 37.02
N ALA B 218 1.65 20.50 36.68
CA ALA B 218 2.67 21.49 36.99
C ALA B 218 2.96 21.52 38.49
N ALA B 219 1.90 21.56 39.29
CA ALA B 219 2.10 21.55 40.74
C ALA B 219 2.84 20.30 41.18
N ARG B 220 2.44 19.14 40.66
CA ARG B 220 3.06 17.88 41.04
C ARG B 220 4.53 17.88 40.67
N GLU B 221 4.87 18.34 39.48
CA GLU B 221 6.28 18.37 39.12
C GLU B 221 7.04 19.50 39.81
N LEU B 222 6.36 20.56 40.22
CA LEU B 222 7.04 21.52 41.07
C LEU B 222 7.36 20.90 42.42
N GLY B 223 6.42 20.10 42.94
CA GLY B 223 6.64 19.44 44.21
C GLY B 223 7.79 18.46 44.17
N ARG B 224 8.03 17.83 43.03
CA ARG B 224 9.19 16.96 42.89
C ARG B 224 10.48 17.74 43.05
N LEU B 225 10.53 18.95 42.50
CA LEU B 225 11.77 19.72 42.55
C LEU B 225 12.18 20.13 43.96
N ALA B 226 11.32 19.98 44.97
CA ALA B 226 11.77 20.30 46.33
C ALA B 226 12.76 19.27 46.87
N ARG B 227 13.10 18.24 46.11
CA ARG B 227 14.15 17.25 46.52
C ARG B 227 15.51 17.93 46.48
N TYR B 228 15.67 18.86 45.56
CA TYR B 228 16.95 19.52 45.35
C TYR B 228 17.14 20.60 46.41
N THR B 229 17.23 20.13 47.66
CA THR B 229 17.01 20.98 48.83
C THR B 229 18.06 22.06 49.01
N ASP B 230 19.26 21.88 48.45
CA ASP B 230 20.31 22.87 48.59
C ASP B 230 20.66 23.54 47.26
N ALA B 231 19.90 23.26 46.20
CA ALA B 231 20.16 23.79 44.87
C ALA B 231 19.71 25.24 44.77
N THR B 232 20.14 25.92 43.69
CA THR B 232 19.85 27.34 43.52
C THR B 232 18.35 27.61 43.30
N ILE B 233 17.58 26.61 42.88
CA ILE B 233 16.15 26.81 42.65
C ILE B 233 15.34 26.70 43.92
N ALA B 234 15.92 26.14 44.99
CA ALA B 234 15.18 25.80 46.20
C ALA B 234 14.30 26.92 46.75
N PRO B 235 14.73 28.18 46.84
CA PRO B 235 13.80 29.21 47.34
C PRO B 235 12.56 29.37 46.49
N LYS B 236 12.71 29.42 45.16
CA LYS B 236 11.54 29.65 44.33
C LYS B 236 10.67 28.40 44.22
N VAL B 237 11.28 27.22 44.32
CA VAL B 237 10.48 26.01 44.49
C VAL B 237 9.61 26.14 45.73
N THR B 238 10.23 26.55 46.84
CA THR B 238 9.52 26.65 48.10
C THR B 238 8.50 27.77 48.06
N GLU B 239 8.92 28.96 47.59
CA GLU B 239 7.99 30.09 47.50
C GLU B 239 6.76 29.72 46.67
N GLY B 240 6.98 29.07 45.52
CA GLY B 240 5.87 28.71 44.65
C GLY B 240 5.01 27.58 45.21
N LEU B 241 5.64 26.60 45.86
CA LEU B 241 4.87 25.57 46.52
C LEU B 241 4.03 26.16 47.65
N THR B 242 4.57 27.13 48.37
CA THR B 242 3.79 27.78 49.42
C THR B 242 2.61 28.57 48.84
N ALA B 243 2.83 29.23 47.70
CA ALA B 243 1.76 30.01 47.08
C ALA B 243 0.63 29.11 46.59
N ILE B 244 0.96 27.97 45.98
CA ILE B 244 -0.08 27.02 45.57
C ILE B 244 -0.87 26.55 46.78
N PHE B 245 -0.16 26.19 47.86
CA PHE B 245 -0.83 25.68 49.06
C PHE B 245 -1.77 26.70 49.68
N GLY B 246 -1.41 27.99 49.64
CA GLY B 246 -2.27 29.00 50.22
C GLY B 246 -3.43 29.43 49.32
N GLN B 247 -3.27 29.33 48.00
CA GLN B 247 -4.26 29.89 47.08
C GLN B 247 -5.42 28.94 46.86
N TYR B 248 -5.16 27.67 46.79
CA TYR B 248 -6.15 26.65 46.48
C TYR B 248 -6.57 25.90 47.74
N PRO B 249 -7.77 25.34 47.75
CA PRO B 249 -8.21 24.57 48.91
C PRO B 249 -7.67 23.15 48.87
N SER B 250 -7.55 22.56 50.06
CA SER B 250 -7.25 21.13 50.14
C SER B 250 -8.45 20.30 49.68
N TYR B 251 -9.65 20.86 49.73
CA TYR B 251 -10.83 20.17 49.21
C TYR B 251 -11.71 21.20 48.51
N GLY B 252 -12.01 20.96 47.24
CA GLY B 252 -12.92 21.82 46.51
C GLY B 252 -12.38 22.16 45.15
N ASP B 253 -12.88 23.27 44.62
CA ASP B 253 -12.50 23.69 43.28
C ASP B 253 -11.01 23.93 43.22
N GLY B 254 -10.34 23.16 42.38
CA GLY B 254 -8.91 23.27 42.23
C GLY B 254 -8.09 22.47 43.22
N ASP B 255 -8.73 21.63 44.04
CA ASP B 255 -7.95 20.89 45.01
C ASP B 255 -6.97 19.92 44.33
N ALA B 256 -7.21 19.57 43.05
CA ALA B 256 -6.25 18.74 42.32
C ALA B 256 -4.89 19.41 42.22
N ILE B 257 -4.88 20.73 42.07
CA ILE B 257 -3.61 21.44 42.07
C ILE B 257 -2.99 21.40 43.46
N TRP B 258 -3.81 21.64 44.50
CA TRP B 258 -3.33 21.55 45.87
C TRP B 258 -2.80 20.15 46.18
N LEU B 259 -3.60 19.12 45.88
CA LEU B 259 -3.21 17.77 46.26
C LEU B 259 -2.05 17.26 45.42
N GLY B 260 -1.97 17.64 44.14
CA GLY B 260 -0.83 17.23 43.33
C GLY B 260 0.49 17.69 43.91
N ALA B 261 0.59 18.97 44.29
CA ALA B 261 1.84 19.47 44.86
C ALA B 261 2.10 18.83 46.23
N ALA B 262 1.06 18.70 47.04
CA ALA B 262 1.21 18.06 48.34
C ALA B 262 1.66 16.61 48.21
N ASP B 263 1.30 15.94 47.12
CA ASP B 263 1.65 14.53 46.95
C ASP B 263 3.16 14.36 46.82
N THR B 264 3.80 15.18 45.99
CA THR B 264 5.23 15.07 45.82
C THR B 264 6.02 15.88 46.83
N ALA B 265 5.53 17.06 47.24
CA ALA B 265 6.29 17.84 48.21
C ALA B 265 6.32 17.19 49.58
N SER B 266 5.26 16.47 49.95
CA SER B 266 5.31 15.71 51.20
C SER B 266 6.38 14.63 51.13
N TYR B 267 6.44 13.93 50.00
CA TYR B 267 7.39 12.83 49.85
C TYR B 267 8.83 13.34 49.73
N TYR B 268 9.10 14.15 48.71
CA TYR B 268 10.47 14.56 48.47
C TYR B 268 10.97 15.62 49.44
N ALA B 269 10.10 16.16 50.31
CA ALA B 269 10.54 17.07 51.36
C ALA B 269 9.81 16.77 52.65
N ASP B 270 9.40 17.83 53.36
CA ASP B 270 8.72 17.71 54.65
C ASP B 270 7.54 18.67 54.68
N CYS B 271 6.39 18.18 55.15
CA CYS B 271 5.19 19.01 55.17
C CYS B 271 5.38 20.27 56.02
N SER B 272 6.27 20.23 57.02
CA SER B 272 6.42 21.37 57.91
C SER B 272 7.00 22.60 57.21
N GLN B 273 7.66 22.40 56.06
CA GLN B 273 8.09 23.53 55.24
C GLN B 273 6.93 24.38 54.74
N PHE B 274 5.70 23.83 54.74
CA PHE B 274 4.57 24.52 54.13
C PHE B 274 3.36 24.61 55.07
N ASN B 275 3.52 24.24 56.33
CA ASN B 275 2.42 24.26 57.31
C ASN B 275 1.19 23.51 56.80
N ILE B 276 1.41 22.47 55.99
CA ILE B 276 0.33 21.59 55.56
C ILE B 276 0.36 20.25 56.30
N CYS B 277 1.18 20.14 57.35
CA CYS B 277 1.26 18.89 58.10
C CYS B 277 -0.10 18.52 58.68
N GLY B 278 -0.47 17.26 58.54
CA GLY B 278 -1.75 16.83 59.04
C GLY B 278 -2.94 17.38 58.28
N PHE B 279 -2.77 17.77 57.01
CA PHE B 279 -3.93 18.12 56.19
C PHE B 279 -4.87 16.93 56.03
N GLU B 280 -4.38 15.72 56.33
CA GLU B 280 -5.13 14.51 56.05
C GLU B 280 -6.38 14.43 56.89
N ASP B 281 -6.34 14.96 58.12
CA ASP B 281 -7.48 14.87 59.02
C ASP B 281 -8.63 15.75 58.57
N ALA B 282 -8.35 17.03 58.32
CA ALA B 282 -9.40 17.94 57.85
C ALA B 282 -9.94 17.52 56.48
N LEU B 283 -9.06 17.06 55.58
CA LEU B 283 -9.52 16.59 54.28
C LEU B 283 -10.48 15.41 54.45
N ARG B 284 -10.17 14.50 55.37
CA ARG B 284 -11.09 13.39 55.61
C ARG B 284 -12.44 13.89 56.08
N ASP B 285 -12.46 14.94 56.90
CA ASP B 285 -13.71 15.50 57.36
C ASP B 285 -14.47 16.15 56.20
N ALA B 286 -13.78 16.95 55.40
CA ALA B 286 -14.44 17.66 54.31
C ALA B 286 -14.93 16.70 53.22
N ALA B 287 -14.13 15.70 52.89
CA ALA B 287 -14.43 14.83 51.75
C ALA B 287 -15.44 13.76 52.09
N LEU B 288 -15.33 13.13 53.25
CA LEU B 288 -16.34 12.20 53.71
C LEU B 288 -17.23 12.85 54.77
N ASN B 289 -18.04 13.81 54.32
CA ASN B 289 -18.82 14.71 55.20
C ASN B 289 -20.19 14.16 55.58
N GLN B 290 -20.66 13.10 54.94
CA GLN B 290 -21.89 12.45 55.32
C GLN B 290 -21.63 11.35 56.35
N THR B 291 -22.69 10.97 57.06
CA THR B 291 -22.62 9.86 57.99
C THR B 291 -23.97 9.16 57.96
N PHE B 292 -23.98 7.83 57.95
CA PHE B 292 -25.24 7.09 57.95
C PHE B 292 -25.05 5.78 58.70
N ILE B 293 -25.86 5.56 59.74
CA ILE B 293 -25.68 4.43 60.65
C ILE B 293 -26.62 3.30 60.21
N CYS B 294 -26.09 2.39 59.40
CA CYS B 294 -26.85 1.22 58.97
CA CYS B 294 -26.86 1.22 58.95
C CYS B 294 -27.39 0.42 60.14
N SER B 295 -26.57 0.24 61.17
CA SER B 295 -26.86 -0.61 62.30
C SER B 295 -25.77 -0.33 63.33
N ASP B 296 -25.88 -0.96 64.49
CA ASP B 296 -24.83 -0.70 65.46
C ASP B 296 -23.53 -1.40 65.10
N THR B 297 -23.46 -2.09 63.95
CA THR B 297 -22.23 -2.74 63.50
C THR B 297 -21.69 -2.21 62.17
N ILE B 298 -22.45 -1.43 61.41
CA ILE B 298 -21.96 -0.87 60.15
C ILE B 298 -22.28 0.62 60.10
N LYS B 299 -21.27 1.43 59.84
CA LYS B 299 -21.35 2.88 59.75
C LYS B 299 -20.79 3.30 58.40
N ILE B 300 -21.51 4.16 57.69
CA ILE B 300 -21.05 4.70 56.41
C ILE B 300 -20.57 6.13 56.60
N ARG B 301 -19.41 6.45 56.03
CA ARG B 301 -18.99 7.82 55.78
C ARG B 301 -18.86 7.99 54.27
N SER B 302 -19.56 8.98 53.71
CA SER B 302 -19.63 9.11 52.26
C SER B 302 -19.52 10.56 51.85
N GLN B 303 -19.04 10.78 50.63
CA GLN B 303 -18.86 12.12 50.09
C GLN B 303 -20.19 12.74 49.66
N ASP B 304 -21.01 11.98 48.94
CA ASP B 304 -22.20 12.56 48.32
C ASP B 304 -23.13 11.45 47.86
N MET B 305 -23.83 10.84 48.80
CA MET B 305 -24.79 9.79 48.49
C MET B 305 -26.19 10.24 48.86
N SER B 306 -27.15 9.79 48.08
CA SER B 306 -28.53 10.04 48.41
C SER B 306 -28.92 9.18 49.61
N GLN B 307 -30.01 9.60 50.29
CA GLN B 307 -30.53 8.77 51.37
C GLN B 307 -31.00 7.42 50.82
N ALA B 308 -31.56 7.42 49.61
CA ALA B 308 -32.02 6.17 49.01
C ALA B 308 -30.86 5.22 48.75
N GLN B 309 -29.66 5.75 48.49
CA GLN B 309 -28.49 4.89 48.29
C GLN B 309 -28.02 4.30 49.61
N HIS B 310 -27.81 5.16 50.60
CA HIS B 310 -27.43 4.73 51.94
C HIS B 310 -28.29 3.55 52.37
N LEU B 311 -29.60 3.70 52.26
CA LEU B 311 -30.51 2.61 52.64
C LEU B 311 -30.26 1.37 51.80
N ALA B 312 -30.04 1.54 50.50
CA ALA B 312 -29.81 0.40 49.61
C ALA B 312 -28.51 -0.33 49.97
N ALA B 313 -27.45 0.43 50.19
CA ALA B 313 -26.18 -0.17 50.61
C ALA B 313 -26.33 -0.96 51.91
N CYS B 314 -27.03 -0.38 52.90
CA CYS B 314 -27.14 -1.06 54.19
CA CYS B 314 -27.19 -1.02 54.21
C CYS B 314 -27.98 -2.32 54.10
N ASP B 315 -29.01 -2.35 53.25
CA ASP B 315 -29.81 -3.56 53.17
C ASP B 315 -29.10 -4.66 52.40
N LYS B 316 -28.34 -4.29 51.37
CA LYS B 316 -27.59 -5.30 50.62
C LYS B 316 -26.47 -5.91 51.46
N MET B 317 -25.72 -5.09 52.22
CA MET B 317 -24.69 -5.65 53.08
C MET B 317 -25.30 -6.56 54.13
N ALA B 318 -26.52 -6.24 54.58
CA ALA B 318 -27.23 -7.13 55.49
C ALA B 318 -27.69 -8.40 54.79
N TYR B 319 -28.17 -8.29 53.55
CA TYR B 319 -28.50 -9.50 52.80
C TYR B 319 -27.25 -10.35 52.58
N GLU B 320 -26.16 -9.72 52.12
CA GLU B 320 -24.93 -10.48 51.85
C GLU B 320 -24.38 -11.11 53.13
N GLU B 321 -24.60 -10.46 54.28
CA GLU B 321 -24.09 -11.00 55.54
C GLU B 321 -24.72 -12.34 55.86
N SER B 322 -26.04 -12.42 55.75
CA SER B 322 -26.70 -13.69 56.04
C SER B 322 -26.37 -14.75 55.00
N PHE B 323 -26.16 -14.33 53.74
CA PHE B 323 -25.77 -15.28 52.71
C PHE B 323 -24.37 -15.82 52.98
N PHE B 324 -23.43 -14.94 53.38
CA PHE B 324 -22.08 -15.38 53.66
C PHE B 324 -22.06 -16.48 54.73
N HIS B 325 -22.79 -16.28 55.83
CA HIS B 325 -22.70 -17.21 56.96
C HIS B 325 -23.35 -18.55 56.65
N THR B 326 -24.32 -18.58 55.74
CA THR B 326 -24.88 -19.87 55.37
C THR B 326 -23.99 -20.59 54.36
N THR B 327 -23.38 -19.85 53.45
CA THR B 327 -22.54 -20.50 52.44
C THR B 327 -21.24 -21.00 53.04
N LEU B 328 -20.72 -20.34 54.07
CA LEU B 328 -19.43 -20.67 54.63
C LEU B 328 -19.53 -21.55 55.87
N GLU B 329 -20.73 -21.82 56.37
CA GLU B 329 -20.92 -22.67 57.54
C GLU B 329 -20.13 -22.15 58.75
N THR B 330 -20.19 -20.83 58.96
CA THR B 330 -19.44 -20.17 60.02
C THR B 330 -20.06 -20.37 61.40
N GLY B 331 -21.33 -20.76 61.48
CA GLY B 331 -22.03 -20.74 62.75
C GLY B 331 -22.07 -19.38 63.41
N ASN B 332 -21.82 -18.31 62.66
CA ASN B 332 -21.62 -16.96 63.19
C ASN B 332 -20.55 -16.88 64.26
N GLN B 333 -19.63 -17.86 64.33
CA GLN B 333 -18.54 -17.78 65.30
C GLN B 333 -17.29 -17.30 64.60
N PRO B 334 -16.72 -16.17 65.00
CA PRO B 334 -15.53 -15.64 64.35
C PRO B 334 -14.27 -16.43 64.75
N VAL B 335 -13.18 -16.14 64.05
CA VAL B 335 -11.90 -16.70 64.45
C VAL B 335 -11.47 -16.10 65.78
N ALA B 336 -10.55 -16.79 66.46
CA ALA B 336 -10.03 -16.29 67.73
C ALA B 336 -9.26 -14.99 67.52
N ASP B 337 -9.14 -14.22 68.59
CA ASP B 337 -8.38 -12.98 68.61
C ASP B 337 -8.87 -11.97 67.58
N ASP B 338 -10.19 -11.94 67.34
CA ASP B 338 -10.80 -11.01 66.39
C ASP B 338 -11.99 -10.33 67.07
N HIS B 339 -11.85 -9.01 67.27
CA HIS B 339 -12.90 -8.17 67.85
C HIS B 339 -13.52 -7.22 66.84
N ASN B 340 -13.34 -7.47 65.54
CA ASN B 340 -13.85 -6.59 64.49
C ASN B 340 -15.36 -6.69 64.31
N THR B 341 -16.11 -6.38 65.38
CA THR B 341 -17.56 -6.44 65.34
C THR B 341 -18.18 -5.34 64.49
N GLN B 342 -17.56 -4.15 64.49
CA GLN B 342 -18.07 -2.96 63.81
C GLN B 342 -17.26 -2.67 62.55
N LEU B 343 -17.94 -2.34 61.46
CA LEU B 343 -17.26 -1.95 60.23
C LEU B 343 -17.51 -0.48 59.93
N GLN B 344 -16.54 0.18 59.31
CA GLN B 344 -16.74 1.48 58.74
C GLN B 344 -16.57 1.41 57.21
N VAL B 345 -17.57 1.92 56.48
CA VAL B 345 -17.61 1.87 55.03
C VAL B 345 -17.43 3.28 54.52
N ASN B 346 -16.40 3.49 53.68
CA ASN B 346 -16.04 4.82 53.17
C ASN B 346 -16.25 4.85 51.66
N ILE B 347 -17.12 5.76 51.18
CA ILE B 347 -17.58 5.76 49.78
C ILE B 347 -17.42 7.14 49.20
N PHE B 348 -16.48 7.29 48.26
CA PHE B 348 -16.30 8.55 47.57
C PHE B 348 -17.29 8.65 46.39
N ASN B 349 -17.38 9.86 45.85
CA ASN B 349 -18.36 10.14 44.82
C ASN B 349 -18.02 9.49 43.47
N SER B 350 -16.73 9.29 43.18
CA SER B 350 -16.33 8.73 41.89
C SER B 350 -14.92 8.18 42.00
N ASP B 351 -14.54 7.37 41.00
CA ASP B 351 -13.17 6.88 40.93
C ASP B 351 -12.19 8.04 40.90
N THR B 352 -12.56 9.13 40.23
CA THR B 352 -11.73 10.32 40.21
C THR B 352 -11.46 10.80 41.62
N ASP B 353 -12.53 10.94 42.42
CA ASP B 353 -12.39 11.39 43.81
C ASP B 353 -11.55 10.41 44.63
N TYR B 354 -11.88 9.11 44.53
CA TYR B 354 -11.16 8.05 45.22
C TYR B 354 -9.67 8.15 45.02
N GLY B 355 -9.23 8.28 43.76
CA GLY B 355 -7.82 8.41 43.45
C GLY B 355 -7.18 9.69 43.93
N LYS B 356 -7.98 10.72 44.22
CA LYS B 356 -7.46 12.00 44.70
C LYS B 356 -7.34 12.06 46.22
N TYR B 357 -8.13 11.28 46.94
CA TYR B 357 -8.36 11.52 48.35
C TYR B 357 -8.01 10.34 49.22
N ALA B 358 -8.30 9.11 48.76
CA ALA B 358 -8.05 7.93 49.56
C ALA B 358 -6.55 7.71 49.78
N GLY B 359 -5.72 8.11 48.83
CA GLY B 359 -4.30 8.07 49.05
C GLY B 359 -3.93 8.79 50.32
N PRO B 360 -4.12 10.11 50.35
CA PRO B 360 -3.74 10.86 51.55
C PRO B 360 -4.57 10.52 52.77
N ILE B 361 -5.83 10.12 52.61
CA ILE B 361 -6.65 9.88 53.80
C ILE B 361 -6.35 8.51 54.39
N PHE B 362 -6.39 7.46 53.59
CA PHE B 362 -6.20 6.12 54.15
C PHE B 362 -4.81 5.53 53.88
N GLY B 363 -3.92 6.26 53.22
CA GLY B 363 -2.60 5.73 52.92
C GLY B 363 -2.58 4.51 52.03
N ILE B 364 -3.52 4.41 51.08
CA ILE B 364 -3.60 3.27 50.18
C ILE B 364 -3.12 3.68 48.79
N ASP B 365 -2.95 2.68 47.92
CA ASP B 365 -2.82 2.89 46.49
C ASP B 365 -4.20 2.86 45.84
N THR B 366 -4.43 3.75 44.88
CA THR B 366 -5.74 3.87 44.26
C THR B 366 -5.79 3.26 42.86
N ASN B 367 -4.74 2.55 42.45
CA ASN B 367 -4.71 1.92 41.13
C ASN B 367 -5.54 0.63 41.15
N ASN B 368 -6.80 0.75 41.55
CA ASN B 368 -7.65 -0.43 41.74
C ASN B 368 -9.09 0.04 41.85
N GLY B 369 -9.99 -0.90 42.13
CA GLY B 369 -11.39 -0.56 42.29
C GLY B 369 -11.93 -0.60 43.71
N GLY B 370 -11.11 -0.29 44.70
CA GLY B 370 -11.49 -0.38 46.10
C GLY B 370 -10.48 -1.17 46.91
N MET B 371 -10.66 -1.10 48.23
CA MET B 371 -9.70 -1.67 49.16
C MET B 371 -10.30 -1.87 50.54
N TYR B 372 -10.00 -3.00 51.16
CA TYR B 372 -10.37 -3.33 52.53
C TYR B 372 -9.16 -3.35 53.46
N LEU B 373 -9.28 -2.75 54.65
CA LEU B 373 -8.19 -2.65 55.62
C LEU B 373 -8.64 -3.26 56.96
N GLU B 374 -8.18 -4.48 57.25
CA GLU B 374 -8.62 -5.20 58.44
C GLU B 374 -8.12 -4.57 59.73
N GLY B 375 -7.09 -3.74 59.67
CA GLY B 375 -6.50 -3.31 60.92
C GLY B 375 -5.95 -4.50 61.68
N ASN B 376 -5.89 -4.36 63.02
CA ASN B 376 -5.45 -5.40 63.94
C ASN B 376 -6.67 -5.94 64.66
N PRO B 377 -7.16 -7.13 64.29
CA PRO B 377 -8.38 -7.64 64.94
C PRO B 377 -8.20 -7.89 66.42
N ALA B 378 -6.98 -8.18 66.88
CA ALA B 378 -6.75 -8.45 68.29
C ALA B 378 -6.80 -7.19 69.15
N ASN B 379 -6.64 -6.02 68.55
CA ASN B 379 -6.63 -4.78 69.28
C ASN B 379 -8.05 -4.40 69.70
N VAL B 380 -8.27 -4.31 71.02
CA VAL B 380 -9.56 -3.88 71.53
C VAL B 380 -9.84 -2.45 71.05
N GLY B 381 -10.98 -2.25 70.44
CA GLY B 381 -11.32 -0.94 69.90
C GLY B 381 -11.06 -0.76 68.42
N ASN B 382 -10.41 -1.72 67.78
CA ASN B 382 -10.15 -1.66 66.34
C ASN B 382 -11.45 -1.62 65.53
N ILE B 383 -11.53 -0.67 64.62
CA ILE B 383 -12.65 -0.67 63.66
C ILE B 383 -12.06 -0.75 62.26
N PRO B 384 -12.27 -1.85 61.53
CA PRO B 384 -11.76 -1.96 60.17
C PRO B 384 -12.56 -1.10 59.20
N ASN B 385 -11.90 -0.75 58.11
CA ASN B 385 -12.48 0.12 57.10
C ASN B 385 -12.30 -0.50 55.73
N PHE B 386 -13.31 -0.33 54.89
CA PHE B 386 -13.09 -0.44 53.46
C PHE B 386 -13.53 0.84 52.77
N ILE B 387 -12.89 1.09 51.63
CA ILE B 387 -13.04 2.31 50.85
C ILE B 387 -13.56 1.90 49.47
N ALA B 388 -14.48 2.69 48.92
CA ALA B 388 -15.11 2.41 47.64
C ALA B 388 -15.46 3.72 46.96
N TYR B 389 -16.02 3.62 45.75
CA TYR B 389 -16.51 4.80 45.05
C TYR B 389 -17.79 4.47 44.31
N GLU B 390 -18.64 5.49 44.13
CA GLU B 390 -19.82 5.33 43.29
C GLU B 390 -19.42 5.22 41.82
N ALA B 391 -20.21 4.47 41.07
CA ALA B 391 -20.03 4.36 39.64
C ALA B 391 -21.34 3.93 39.01
N SER B 392 -21.57 4.41 37.77
CA SER B 392 -22.85 4.18 37.10
C SER B 392 -23.05 2.72 36.70
N TYR B 393 -21.96 1.99 36.45
CA TYR B 393 -22.00 0.57 36.15
C TYR B 393 -22.13 -0.29 37.40
N ALA B 394 -22.08 0.31 38.60
CA ALA B 394 -22.22 -0.43 39.84
C ALA B 394 -23.61 -1.05 39.97
N ASN B 395 -23.88 -1.70 41.09
CA ASN B 395 -25.16 -2.39 41.23
C ASN B 395 -26.25 -1.44 41.76
N PRO B 396 -27.46 -1.45 41.19
CA PRO B 396 -28.58 -0.79 41.86
C PRO B 396 -29.00 -1.57 43.09
N ASP B 397 -29.61 -0.88 44.04
CA ASP B 397 -29.97 0.53 43.96
C ASP B 397 -28.92 1.45 44.57
N HIS B 398 -27.83 0.87 45.13
CA HIS B 398 -26.82 1.70 45.82
C HIS B 398 -25.83 2.33 44.85
N PHE B 399 -25.49 1.64 43.76
CA PHE B 399 -24.53 2.13 42.76
C PHE B 399 -23.15 2.42 43.39
N VAL B 400 -22.73 1.58 44.32
CA VAL B 400 -21.39 1.62 44.91
C VAL B 400 -20.56 0.52 44.26
N TRP B 401 -19.44 0.90 43.66
CA TRP B 401 -18.61 -0.10 43.00
C TRP B 401 -17.95 -1.03 44.02
N ASN B 402 -18.14 -2.34 43.84
CA ASN B 402 -17.55 -3.39 44.67
C ASN B 402 -18.04 -3.38 46.11
N LEU B 403 -19.20 -2.78 46.40
CA LEU B 403 -19.73 -2.76 47.75
C LEU B 403 -19.82 -4.17 48.34
N GLU B 404 -20.51 -5.06 47.64
CA GLU B 404 -20.62 -6.44 48.12
C GLU B 404 -19.28 -7.18 48.07
N HIS B 405 -18.39 -6.77 47.17
CA HIS B 405 -17.07 -7.39 47.10
C HIS B 405 -16.21 -7.01 48.31
N GLU B 406 -16.02 -5.72 48.56
CA GLU B 406 -15.24 -5.33 49.71
C GLU B 406 -15.84 -5.87 51.00
N TYR B 407 -17.17 -5.87 51.10
CA TYR B 407 -17.84 -6.27 52.35
C TYR B 407 -17.58 -7.74 52.67
N VAL B 408 -17.54 -8.61 51.66
CA VAL B 408 -17.19 -10.01 51.92
C VAL B 408 -15.72 -10.16 52.32
N HIS B 409 -14.85 -9.20 51.97
CA HIS B 409 -13.49 -9.22 52.51
C HIS B 409 -13.50 -9.06 54.03
N TYR B 410 -14.36 -8.16 54.54
CA TYR B 410 -14.53 -8.02 55.97
C TYR B 410 -15.05 -9.32 56.56
N LEU B 411 -16.07 -9.90 55.94
CA LEU B 411 -16.62 -11.15 56.47
C LEU B 411 -15.58 -12.26 56.43
N ASP B 412 -14.93 -12.43 55.27
CA ASP B 412 -13.88 -13.45 55.09
C ASP B 412 -12.77 -13.26 56.12
N GLY B 413 -12.31 -12.01 56.29
CA GLY B 413 -11.21 -11.75 57.22
C GLY B 413 -11.54 -12.02 58.68
N ARG B 414 -12.82 -11.94 59.05
CA ARG B 414 -13.21 -12.14 60.43
C ARG B 414 -13.66 -13.57 60.73
N PHE B 415 -14.11 -14.32 59.72
CA PHE B 415 -14.67 -15.66 59.95
C PHE B 415 -13.92 -16.78 59.24
N ASN B 416 -13.06 -16.48 58.29
CA ASN B 416 -12.30 -17.52 57.59
C ASN B 416 -10.79 -17.44 57.82
N MET B 417 -10.23 -16.24 57.97
CA MET B 417 -8.79 -16.02 57.93
C MET B 417 -8.31 -15.54 59.29
N TYR B 418 -7.65 -16.44 60.03
CA TYR B 418 -7.09 -16.09 61.33
C TYR B 418 -6.05 -14.98 61.21
N GLY B 419 -5.96 -14.13 62.23
CA GLY B 419 -4.97 -13.07 62.26
C GLY B 419 -5.26 -11.95 61.27
N ASP B 420 -4.40 -10.95 61.28
CA ASP B 420 -4.54 -9.80 60.39
C ASP B 420 -4.22 -10.17 58.93
N PHE B 421 -4.05 -9.17 58.07
CA PHE B 421 -3.94 -9.44 56.63
C PHE B 421 -2.59 -10.05 56.26
N GLY B 422 -1.51 -9.59 56.89
CA GLY B 422 -0.18 -10.10 56.59
C GLY B 422 0.20 -11.40 57.28
N THR B 423 -0.64 -11.86 58.20
CA THR B 423 -0.32 -13.08 58.96
C THR B 423 -0.01 -14.31 58.11
N PRO B 424 -0.74 -14.63 57.04
CA PRO B 424 -0.51 -15.91 56.35
C PRO B 424 0.92 -16.08 55.85
N THR B 425 1.42 -17.32 55.94
CA THR B 425 2.76 -17.66 55.47
C THR B 425 2.72 -18.46 54.19
N GLU B 426 1.55 -18.52 53.55
CA GLU B 426 1.31 -19.12 52.24
C GLU B 426 0.34 -18.22 51.49
N LEU B 427 0.37 -18.35 50.16
CA LEU B 427 -0.47 -17.53 49.30
C LEU B 427 -1.96 -17.83 49.51
N VAL B 428 -2.73 -16.78 49.73
CA VAL B 428 -4.18 -16.86 49.89
C VAL B 428 -4.90 -15.92 48.93
N VAL B 429 -4.21 -15.38 47.93
CA VAL B 429 -4.79 -14.37 47.05
C VAL B 429 -5.98 -14.94 46.30
N TRP B 430 -5.84 -16.17 45.80
CA TRP B 430 -6.93 -16.78 45.04
C TRP B 430 -8.18 -16.96 45.87
N TRP B 431 -8.02 -17.22 47.18
CA TRP B 431 -9.17 -17.46 48.03
C TRP B 431 -9.83 -16.16 48.47
N SER B 432 -9.05 -15.21 48.98
CA SER B 432 -9.61 -13.93 49.40
C SER B 432 -10.36 -13.28 48.26
N GLU B 433 -9.71 -13.15 47.10
CA GLU B 433 -10.38 -12.52 45.96
C GLU B 433 -11.42 -13.43 45.34
N GLY B 434 -11.20 -14.74 45.37
CA GLY B 434 -12.20 -15.66 44.85
C GLY B 434 -13.46 -15.71 45.70
N VAL B 435 -13.29 -15.87 47.03
CA VAL B 435 -14.45 -15.93 47.92
C VAL B 435 -15.19 -14.61 47.86
N ALA B 436 -14.46 -13.51 47.67
CA ALA B 436 -15.10 -12.21 47.55
C ALA B 436 -15.94 -12.12 46.29
N GLU B 437 -15.42 -12.58 45.15
CA GLU B 437 -16.21 -12.56 43.93
C GLU B 437 -17.38 -13.54 44.02
N TYR B 438 -17.12 -14.77 44.45
CA TYR B 438 -18.17 -15.77 44.37
C TYR B 438 -19.35 -15.43 45.28
N VAL B 439 -19.12 -14.99 46.52
CA VAL B 439 -20.26 -14.73 47.39
C VAL B 439 -21.06 -13.53 46.88
N SER B 440 -20.40 -12.53 46.30
CA SER B 440 -21.08 -11.31 45.89
C SER B 440 -21.76 -11.43 44.51
N ARG B 441 -21.30 -12.35 43.65
CA ARG B 441 -21.85 -12.55 42.31
C ARG B 441 -22.53 -13.91 42.11
N VAL B 442 -22.29 -14.87 42.99
CA VAL B 442 -22.78 -16.24 42.89
C VAL B 442 -22.53 -16.75 41.48
N ASN B 443 -23.55 -16.73 40.60
CA ASN B 443 -23.39 -17.27 39.26
C ASN B 443 -23.40 -16.21 38.17
N ASP B 444 -23.44 -14.93 38.51
CA ASP B 444 -23.52 -13.84 37.54
C ASP B 444 -22.12 -13.25 37.34
N ASN B 445 -21.38 -13.80 36.39
CA ASN B 445 -20.01 -13.35 36.10
C ASN B 445 -19.74 -13.50 34.61
N PRO B 446 -20.17 -12.55 33.80
CA PRO B 446 -19.96 -12.68 32.34
C PRO B 446 -18.49 -12.74 31.95
N GLN B 447 -17.61 -12.08 32.71
CA GLN B 447 -16.19 -12.08 32.35
C GLN B 447 -15.51 -13.40 32.67
N ALA B 448 -15.92 -14.08 33.74
CA ALA B 448 -15.32 -15.40 34.03
C ALA B 448 -15.69 -16.41 32.96
N ILE B 449 -16.91 -16.33 32.43
CA ILE B 449 -17.27 -17.17 31.29
C ILE B 449 -16.36 -16.86 30.10
N ALA B 450 -16.15 -15.57 29.83
CA ALA B 450 -15.35 -15.14 28.69
C ALA B 450 -13.92 -15.66 28.77
N THR B 451 -13.32 -15.62 29.96
CA THR B 451 -11.90 -15.99 30.05
C THR B 451 -11.69 -17.49 29.89
N ILE B 452 -12.76 -18.29 29.92
CA ILE B 452 -12.65 -19.70 29.56
C ILE B 452 -12.65 -19.86 28.05
N GLN B 453 -13.52 -19.12 27.37
CA GLN B 453 -13.73 -19.29 25.93
C GLN B 453 -12.59 -18.73 25.09
N ASP B 454 -11.80 -17.81 25.62
CA ASP B 454 -10.80 -17.14 24.80
C ASP B 454 -9.56 -18.00 24.54
N GLY B 455 -9.56 -19.27 24.97
CA GLY B 455 -8.46 -20.16 24.70
C GLY B 455 -7.36 -20.17 25.74
N SER B 456 -7.21 -19.11 26.54
CA SER B 456 -6.20 -19.03 27.59
C SER B 456 -6.88 -19.37 28.92
N THR B 457 -6.47 -20.48 29.52
CA THR B 457 -7.00 -20.91 30.80
C THR B 457 -5.85 -21.15 31.77
N TYR B 458 -6.19 -21.39 33.04
CA TYR B 458 -5.23 -21.71 34.08
C TYR B 458 -5.58 -23.03 34.73
N THR B 459 -4.57 -23.70 35.27
CA THR B 459 -4.79 -24.91 36.02
C THR B 459 -5.07 -24.55 37.48
N LEU B 460 -5.67 -25.49 38.22
CA LEU B 460 -5.87 -25.25 39.64
C LEU B 460 -4.58 -24.82 40.30
N ALA B 461 -3.52 -25.62 40.11
CA ALA B 461 -2.22 -25.36 40.73
C ALA B 461 -1.73 -23.95 40.42
N GLN B 462 -1.84 -23.52 39.16
CA GLN B 462 -1.42 -22.17 38.81
C GLN B 462 -2.27 -21.12 39.53
N VAL B 463 -3.57 -21.40 39.72
CA VAL B 463 -4.43 -20.44 40.42
C VAL B 463 -3.97 -20.29 41.87
N PHE B 464 -3.72 -21.42 42.53
CA PHE B 464 -3.41 -21.38 43.96
C PHE B 464 -2.15 -20.57 44.23
N ASP B 465 -1.22 -20.51 43.28
CA ASP B 465 0.01 -19.76 43.46
C ASP B 465 -0.07 -18.34 42.90
N THR B 466 -1.28 -17.85 42.65
CA THR B 466 -1.46 -16.51 42.10
C THR B 466 -1.08 -15.46 43.13
N THR B 467 -0.49 -14.36 42.67
CA THR B 467 -0.16 -13.23 43.53
C THR B 467 -0.72 -11.96 42.94
N TYR B 468 -0.56 -10.87 43.69
CA TYR B 468 -0.95 -9.55 43.24
C TYR B 468 0.11 -8.87 42.38
N ASP B 469 1.31 -9.44 42.27
CA ASP B 469 2.36 -8.84 41.45
C ASP B 469 1.92 -8.66 40.01
N GLY B 470 2.10 -7.44 39.50
CA GLY B 470 1.63 -7.08 38.19
C GLY B 470 0.14 -6.87 38.09
N PHE B 471 -0.63 -7.24 39.12
CA PHE B 471 -2.07 -7.00 39.16
C PHE B 471 -2.74 -7.59 37.92
N ASP B 472 -2.65 -8.93 37.81
CA ASP B 472 -3.29 -9.68 36.74
C ASP B 472 -4.76 -9.80 37.08
N VAL B 473 -5.54 -8.79 36.66
CA VAL B 473 -6.96 -8.71 36.99
C VAL B 473 -7.68 -9.97 36.53
N ASP B 474 -7.31 -10.51 35.37
CA ASP B 474 -7.93 -11.73 34.87
C ASP B 474 -7.63 -12.92 35.78
N ARG B 475 -6.35 -13.14 36.06
CA ARG B 475 -5.95 -14.29 36.87
C ARG B 475 -6.39 -14.13 38.33
N ILE B 476 -6.34 -12.92 38.87
CA ILE B 476 -6.69 -12.74 40.28
C ILE B 476 -8.18 -13.00 40.47
N TYR B 477 -9.02 -12.17 39.87
CA TYR B 477 -10.45 -12.18 40.23
C TYR B 477 -11.26 -13.19 39.45
N ARG B 478 -11.05 -13.32 38.12
CA ARG B 478 -11.84 -14.24 37.32
CA ARG B 478 -11.85 -14.25 37.32
C ARG B 478 -11.46 -15.69 37.62
N TRP B 479 -10.16 -15.99 37.58
CA TRP B 479 -9.76 -17.37 37.83
C TRP B 479 -9.80 -17.70 39.32
N GLY B 480 -9.60 -16.71 40.19
CA GLY B 480 -9.95 -16.90 41.59
C GLY B 480 -11.42 -17.26 41.75
N TYR B 481 -12.30 -16.51 41.06
CA TYR B 481 -13.74 -16.77 41.12
C TYR B 481 -14.06 -18.19 40.66
N LEU B 482 -13.56 -18.58 39.49
CA LEU B 482 -13.87 -19.90 38.95
C LEU B 482 -13.40 -21.00 39.89
N ALA B 483 -12.18 -20.87 40.44
CA ALA B 483 -11.64 -21.87 41.34
C ALA B 483 -12.47 -21.99 42.62
N VAL B 484 -12.83 -20.85 43.22
CA VAL B 484 -13.67 -20.87 44.42
C VAL B 484 -15.05 -21.44 44.11
N ARG B 485 -15.63 -21.03 42.97
CA ARG B 485 -16.96 -21.49 42.60
C ARG B 485 -16.98 -23.00 42.38
N PHE B 486 -16.00 -23.52 41.62
CA PHE B 486 -15.89 -24.95 41.36
C PHE B 486 -15.85 -25.75 42.67
N MET B 487 -14.96 -25.36 43.59
CA MET B 487 -14.81 -26.10 44.85
C MET B 487 -16.11 -26.13 45.63
N PHE B 488 -16.84 -25.02 45.67
CA PHE B 488 -18.08 -25.00 46.44
C PHE B 488 -19.15 -25.89 45.80
N GLU B 489 -19.25 -25.88 44.46
CA GLU B 489 -20.29 -26.67 43.81
C GLU B 489 -20.04 -28.17 43.92
N ARG B 490 -18.79 -28.62 43.71
CA ARG B 490 -18.48 -30.04 43.66
C ARG B 490 -17.76 -30.58 44.89
N HIS B 491 -17.23 -29.74 45.77
CA HIS B 491 -16.57 -30.28 46.96
C HIS B 491 -16.67 -29.38 48.18
N PRO B 492 -17.87 -28.91 48.55
CA PRO B 492 -17.95 -27.99 49.69
C PRO B 492 -17.45 -28.59 50.99
N ASP B 493 -17.48 -29.92 51.13
CA ASP B 493 -16.90 -30.56 52.31
C ASP B 493 -15.41 -30.26 52.41
N GLU B 494 -14.69 -30.38 51.30
CA GLU B 494 -13.26 -30.04 51.29
C GLU B 494 -13.04 -28.58 51.65
N VAL B 495 -13.93 -27.69 51.19
CA VAL B 495 -13.79 -26.28 51.56
C VAL B 495 -13.75 -26.14 53.07
N GLN B 496 -14.61 -26.88 53.77
CA GLN B 496 -14.62 -26.79 55.23
C GLN B 496 -13.35 -27.32 55.85
N ARG B 497 -12.72 -28.32 55.22
CA ARG B 497 -11.47 -28.84 55.77
C ARG B 497 -10.36 -27.82 55.61
N MET B 498 -10.25 -27.20 54.43
CA MET B 498 -9.32 -26.10 54.26
C MET B 498 -9.61 -24.98 55.25
N LEU B 499 -10.87 -24.55 55.34
CA LEU B 499 -11.21 -23.44 56.22
C LEU B 499 -10.95 -23.78 57.68
N SER B 500 -11.11 -25.04 58.07
CA SER B 500 -10.73 -25.43 59.42
C SER B 500 -9.26 -25.14 59.70
N ALA B 501 -8.40 -25.25 58.69
CA ALA B 501 -7.00 -24.88 58.83
C ALA B 501 -6.81 -23.37 58.86
N THR B 502 -7.43 -22.65 57.93
CA THR B 502 -7.21 -21.21 57.87
C THR B 502 -7.86 -20.48 59.05
N ARG B 503 -8.98 -21.00 59.55
CA ARG B 503 -9.63 -20.38 60.69
C ARG B 503 -8.79 -20.47 61.94
N GLN B 504 -7.75 -21.30 61.95
CA GLN B 504 -6.89 -21.45 63.09
C GLN B 504 -5.45 -21.05 62.80
N GLY B 505 -5.15 -20.64 61.57
CA GLY B 505 -3.83 -20.13 61.25
C GLY B 505 -2.81 -21.19 60.90
N ARG B 506 -3.25 -22.42 60.62
CA ARG B 506 -2.34 -23.49 60.22
C ARG B 506 -2.14 -23.40 58.71
N TRP B 507 -1.33 -22.42 58.29
CA TRP B 507 -1.17 -22.16 56.87
C TRP B 507 -0.43 -23.27 56.13
N ALA B 508 0.46 -24.02 56.79
CA ALA B 508 1.11 -25.12 56.09
C ALA B 508 0.11 -26.22 55.78
N GLU B 509 -0.72 -26.57 56.77
CA GLU B 509 -1.77 -27.57 56.57
C GLU B 509 -2.76 -27.12 55.49
N TYR B 510 -3.06 -25.82 55.44
CA TYR B 510 -3.89 -25.28 54.37
C TYR B 510 -3.20 -25.44 53.01
N LYS B 511 -1.92 -25.05 52.92
CA LYS B 511 -1.19 -25.19 51.66
C LYS B 511 -1.09 -26.64 51.23
N ALA B 512 -0.98 -27.56 52.20
CA ALA B 512 -0.96 -28.97 51.86
C ALA B 512 -2.28 -29.39 51.24
N ILE B 513 -3.40 -28.96 51.85
CA ILE B 513 -4.71 -29.37 51.38
C ILE B 513 -4.94 -28.92 49.93
N ILE B 514 -4.74 -27.63 49.65
CA ILE B 514 -5.13 -27.12 48.34
C ILE B 514 -4.20 -27.64 47.26
N SER B 515 -2.94 -27.91 47.60
CA SER B 515 -2.01 -28.52 46.66
C SER B 515 -2.41 -29.96 46.38
N GLY B 516 -3.04 -30.64 47.35
CA GLY B 516 -3.71 -31.89 47.06
C GLY B 516 -4.79 -31.75 46.01
N TRP B 517 -5.71 -30.79 46.21
CA TRP B 517 -6.74 -30.51 45.22
C TRP B 517 -6.14 -30.34 43.81
N ALA B 518 -5.02 -29.63 43.70
CA ALA B 518 -4.52 -29.26 42.39
C ALA B 518 -4.07 -30.48 41.59
N ASN B 519 -3.77 -31.58 42.26
CA ASN B 519 -3.46 -32.83 41.56
C ASN B 519 -4.72 -33.60 41.20
N GLN B 520 -5.55 -33.94 42.20
CA GLN B 520 -6.75 -34.71 41.91
C GLN B 520 -7.74 -33.92 41.04
N TYR B 521 -8.34 -32.90 41.59
CA TYR B 521 -9.45 -32.24 40.90
C TYR B 521 -9.04 -31.47 39.65
N GLN B 522 -7.80 -31.51 39.15
CA GLN B 522 -7.49 -30.74 37.94
C GLN B 522 -8.28 -31.24 36.74
N SER B 523 -8.40 -32.56 36.60
CA SER B 523 -9.22 -33.11 35.51
C SER B 523 -10.67 -32.64 35.66
N GLU B 524 -11.26 -32.88 36.83
CA GLU B 524 -12.62 -32.42 37.11
C GLU B 524 -12.77 -30.95 36.79
N PHE B 525 -11.83 -30.12 37.26
CA PHE B 525 -11.93 -28.69 37.10
C PHE B 525 -11.98 -28.28 35.62
N ALA B 526 -11.04 -28.77 34.81
CA ALA B 526 -11.04 -28.38 33.39
C ALA B 526 -12.34 -28.79 32.70
N GLN B 527 -12.80 -30.01 32.97
CA GLN B 527 -14.07 -30.46 32.41
C GLN B 527 -15.21 -29.57 32.88
N TRP B 528 -15.20 -29.22 34.17
CA TRP B 528 -16.23 -28.35 34.72
C TRP B 528 -16.21 -26.96 34.11
N THR B 529 -15.03 -26.45 33.75
CA THR B 529 -14.96 -25.12 33.14
C THR B 529 -15.36 -25.12 31.67
N GLU B 530 -15.08 -26.21 30.95
CA GLU B 530 -15.47 -26.24 29.54
C GLU B 530 -16.97 -26.46 29.40
N ALA B 531 -17.56 -27.31 30.26
CA ALA B 531 -19.01 -27.45 30.25
C ALA B 531 -19.68 -26.12 30.55
N LEU B 532 -19.12 -25.39 31.51
CA LEU B 532 -19.65 -24.08 31.87
C LEU B 532 -19.59 -23.10 30.70
N ALA B 533 -18.55 -23.16 29.88
CA ALA B 533 -18.50 -22.25 28.74
C ALA B 533 -19.44 -22.66 27.62
N LYS B 534 -19.99 -23.86 27.68
CA LYS B 534 -20.94 -24.33 26.68
C LYS B 534 -22.36 -23.92 27.01
N GLY B 535 -22.96 -24.63 27.97
CA GLY B 535 -24.34 -24.38 28.35
C GLY B 535 -24.81 -25.34 29.44
N GLY C 1 -1.14 -10.09 -51.49
CA GLY C 1 -0.77 -11.49 -51.49
C GLY C 1 -0.99 -12.16 -50.14
N PRO C 2 -0.78 -13.47 -50.06
CA PRO C 2 -1.01 -13.93 -48.72
C PRO C 2 0.24 -13.60 -47.92
N GLY D 1 3.93 -14.21 -44.10
CA GLY D 1 3.68 -15.31 -43.19
C GLY D 1 3.52 -14.80 -41.78
N PRO D 2 3.50 -15.72 -40.82
CA PRO D 2 3.41 -15.29 -39.44
C PRO D 2 4.71 -14.58 -39.13
N GLY E 1 -6.41 5.53 -32.94
CA GLY E 1 -6.74 6.26 -31.74
C GLY E 1 -5.57 6.57 -30.81
N PRO E 2 -5.87 6.82 -29.53
CA PRO E 2 -4.86 7.23 -28.57
C PRO E 2 -3.81 6.17 -28.34
N GLY E 4 -1.40 3.51 -26.90
CA GLY E 4 -1.59 2.49 -25.90
C GLY E 4 -0.62 2.67 -24.76
N PRO E 5 -0.49 1.65 -23.90
CA PRO E 5 0.45 1.77 -22.78
C PRO E 5 1.87 1.64 -23.31
N GLY F 1 -4.19 1.67 -48.62
CA GLY F 1 -4.35 2.68 -47.57
C GLY F 1 -3.23 3.70 -47.50
N PRO F 2 -3.37 4.70 -46.59
CA PRO F 2 -2.37 5.76 -46.44
C PRO F 2 -1.14 5.33 -45.64
N GLY F 4 1.41 4.97 -42.64
CA GLY F 4 1.24 4.86 -41.21
C GLY F 4 2.09 5.76 -40.34
N PRO F 5 1.83 5.71 -39.02
CA PRO F 5 2.51 6.53 -38.01
C PRO F 5 3.98 6.20 -37.86
N GLY G 1 -3.79 -4.32 52.57
CA GLY G 1 -5.20 -4.66 52.41
C GLY G 1 -5.58 -5.25 51.06
N PRO G 2 -6.53 -6.19 51.04
CA PRO G 2 -6.84 -6.70 49.72
C PRO G 2 -7.47 -5.59 48.91
N GLY H 1 -10.80 -4.05 45.09
CA GLY H 1 -11.28 -5.04 44.14
C GLY H 1 -10.98 -4.69 42.69
N PRO H 2 -11.58 -5.44 41.75
CA PRO H 2 -11.37 -5.19 40.32
C PRO H 2 -11.83 -3.81 39.87
N GLY I 1 10.25 2.82 32.44
CA GLY I 1 9.89 2.42 31.10
C GLY I 1 9.46 3.58 30.23
N PRO I 2 9.81 3.54 28.93
CA PRO I 2 9.52 4.62 27.99
C PRO I 2 8.08 4.55 27.44
N GLY I 4 4.43 4.27 25.95
CA GLY I 4 3.79 3.28 25.09
C GLY I 4 3.08 3.93 23.93
N PRO I 5 2.23 3.17 23.22
CA PRO I 5 1.53 3.76 22.09
C PRO I 5 0.52 4.82 22.55
N GLY J 1 5.44 3.54 47.71
CA GLY J 1 6.56 3.78 46.82
C GLY J 1 6.68 5.25 46.41
N PRO J 2 7.49 5.53 45.37
CA PRO J 2 7.64 6.93 44.95
C PRO J 2 6.37 7.41 44.27
N GLY J 4 4.11 8.45 41.45
CA GLY J 4 4.04 8.19 40.02
C GLY J 4 4.03 9.35 39.05
N PRO J 5 3.99 9.03 37.74
CA PRO J 5 4.05 9.98 36.62
C PRO J 5 2.77 10.79 36.38
#